data_7KI0
#
_entry.id   7KI0
#
_cell.length_a   1.00
_cell.length_b   1.00
_cell.length_c   1.00
_cell.angle_alpha   90.00
_cell.angle_beta   90.00
_cell.angle_gamma   90.00
#
_symmetry.space_group_name_H-M   'P 1'
#
loop_
_entity.id
_entity.type
_entity.pdbx_description
1 polymer 'Guanine nucleotide-binding protein G(s) subunit alpha isoforms short'
2 polymer 'Guanine nucleotide-binding protein G(I)/G(S)/G(T) subunit beta-1'
3 polymer 'Guanine nucleotide-binding protein G(I)/G(S)/G(O) subunit gamma-2'
4 polymer Nb35
5 polymer Semaglutide
6 polymer 'Glucagon-like peptide 1 receptor'
7 non-polymer '17-amino-10-oxo-3,6,12,15-tetraoxa-9-azaheptadecan-1-oic acid'
8 water water
#
loop_
_entity_poly.entity_id
_entity_poly.type
_entity_poly.pdbx_seq_one_letter_code
_entity_poly.pdbx_strand_id
1 'polypeptide(L)'
;MGCLGNSKTEDQRNEEKAQREANKKIEKQLQKDKQVYRATHRLLLLGAGESGKNTIVKQMRILHVNGFNGEGGEEDPQAA
RSNSDGEKATKVQDIKNNLKEAIETIVAAMSNLVPPVELANPENQFRVDYILSVMNVPDFDFPPEFYEHAKALWEDEGVR
ACYERSNEYQLIDCAQYFLDKIDVIKQADYVPSDQDLLRCRVLTSGIFETKFQVDKVNFHMFDVGAQRDERRKWIQCFND
VTAIIFVVASSSYNMVIREDNQTNRLQAALKLFDSIWNNKWLRDTSVILFLNKQDLLAEKVLAGKSKIEDYFPEFARYTT
PEDATPEPGEDPRVTRAKYFIRDEFLRISTASGDGRHYCYPHFTCSVDTENIRRVFNDCRDIIQRMHLRQYELL
;
A
2 'polypeptide(L)'
;QSELDQLRQEAEQLKNQIRDARKACADATLSQITNNIDPVGRIQMRTRRTLRGHLAKIYAMHWGTDSRLLVSASQDGKLI
IWDSYTTNKVHAIPLRSSWVMTCAYAPSGNYVACGGLDNICSIYNLKTREGNVRVSRELAGHTGYLSCCRFLDDNQIVTS
SGDTTCALWDIETGQQTTTFTGHTGDVMSLSLAPDTRLFVSGACDASAKLWDVREGMCRQTFTGHESDINAICFFPNGNA
FATGSDDATCRLFDLRADQELMTYSHDNIICGITSVSFSKSGRLLLAGYDDFNCNVWDALKADRAGVLAGHDNRVSCLGV
TDDGMAVATGSWDSFLKIWN
;
B
3 'polypeptide(L)' NTASIAQARKLVEQLKMEANIDRIKVSKAAADLMAYCEAHAKEDPLLTPVPASENPFR G
4 'polypeptide(L)'
;QVQLQESGGGLVQPGGSLRLSCAASGFTFSNYKMNWVRQAPGKGLEWVSDISQSGASISYTGSVKGRFTISRDNAKNTLY
LQMNSLKPEDTAVYYCARCPAPFTRDCFDVTSTTYAYRGQGTQVTVSS
;
N
5 'polypeptide(L)' H(AIB)EGTFTSDVSSYLEGQAAKEFIAWLVRGRG P
6 'polypeptide(L)'
;MKTIIALSYIFCLVFADYKDDDDLEVLFQGPARPQGATVSLWETVQKWREYRRQCQRSLTEDPPPATDLFCNRTFDEYAC
WPDGEPGSFVNVSCPWYLPWASSVPQGHVYRFCTAEGLWLQKDNSSLPWRDLSECEESKRGERSSPEEQLLFLYIIYTVG
YALSFSALVIASAILLGFRHLHCTRNYIHLNLFASFILRALSVFIKDAALKWMYSTAAQQHQWDGLLSYQDSLSCRLVFL
LMQYCVAANYYWLLVEGVYLYTLLAFSVFSEQWIFRLYVSIGWGVPLLFVVPWGIVKYLYEDEGCWTRNSNMNYWLIIRL
PILFAIGVNFLIFVRVICIVVSKLKANLMCKTDIKCRLAKSTLTLIPLLGTHEVIFAFVMDEHARGTLRFIKLFTELSFT
SFQGLMVAILYCFVNNEVQLEFRKSWERWRLEHLHIQRDSSMKPLKCPTSSLSSGATAGSSMYTATCQASCSPAGLEVLF
QGPHHHHHHHH
;
R
#
# COMPACT_ATOMS: atom_id res chain seq x y z
N ASP A 11 -39.45 8.73 17.81
CA ASP A 11 -39.24 8.02 16.55
C ASP A 11 -37.87 8.31 15.95
N GLN A 12 -36.84 8.27 16.80
CA GLN A 12 -35.48 8.47 16.29
C GLN A 12 -35.06 7.31 15.38
N ARG A 13 -35.60 6.11 15.60
CA ARG A 13 -35.35 5.01 14.69
C ARG A 13 -35.97 5.26 13.32
N ASN A 14 -37.03 6.07 13.25
CA ASN A 14 -37.58 6.45 11.96
C ASN A 14 -36.62 7.34 11.18
N GLU A 15 -35.92 8.24 11.87
CA GLU A 15 -34.93 9.08 11.22
C GLU A 15 -33.57 8.40 11.09
N GLU A 16 -33.24 7.48 11.99
CA GLU A 16 -32.03 6.69 11.80
C GLU A 16 -32.15 5.75 10.62
N LYS A 17 -33.36 5.24 10.35
CA LYS A 17 -33.61 4.51 9.13
C LYS A 17 -33.46 5.38 7.89
N ALA A 18 -33.95 6.62 7.94
CA ALA A 18 -33.78 7.52 6.81
C ALA A 18 -32.31 7.83 6.56
N GLN A 19 -31.53 8.06 7.63
CA GLN A 19 -30.10 8.32 7.46
C GLN A 19 -29.38 7.11 6.87
N ARG A 20 -29.73 5.90 7.33
CA ARG A 20 -29.12 4.70 6.79
C ARG A 20 -29.55 4.45 5.35
N GLU A 21 -30.73 4.91 4.97
CA GLU A 21 -31.19 4.82 3.60
C GLU A 21 -30.41 5.75 2.68
N ALA A 22 -30.23 7.01 3.11
CA ALA A 22 -29.45 7.97 2.33
C ALA A 22 -27.97 7.59 2.26
N ASN A 23 -27.48 6.86 3.26
CA ASN A 23 -26.08 6.45 3.26
C ASN A 23 -25.78 5.41 2.19
N LYS A 24 -26.70 4.44 2.04
CA LYS A 24 -26.52 3.34 1.06
C LYS A 24 -26.64 3.91 -0.36
N LYS A 25 -27.48 4.93 -0.54
CA LYS A 25 -27.57 5.63 -1.81
C LYS A 25 -26.28 6.34 -2.16
N ILE A 26 -25.62 6.94 -1.16
CA ILE A 26 -24.32 7.57 -1.40
C ILE A 26 -23.26 6.53 -1.70
N GLU A 27 -23.20 5.46 -0.90
CA GLU A 27 -22.19 4.43 -1.10
C GLU A 27 -22.38 3.69 -2.41
N LYS A 28 -23.59 3.71 -2.96
CA LYS A 28 -23.81 3.14 -4.29
C LYS A 28 -23.16 3.99 -5.37
N GLN A 29 -23.37 5.31 -5.30
CA GLN A 29 -22.71 6.22 -6.23
C GLN A 29 -21.20 6.21 -6.07
N LEU A 30 -20.70 6.10 -4.85
CA LEU A 30 -19.27 6.07 -4.62
C LEU A 30 -18.61 4.82 -5.22
N GLN A 31 -19.37 3.74 -5.39
CA GLN A 31 -18.83 2.56 -6.07
C GLN A 31 -18.73 2.77 -7.57
N LYS A 32 -19.71 3.45 -8.18
CA LYS A 32 -19.59 3.82 -9.59
C LYS A 32 -18.45 4.80 -9.80
N ASP A 33 -18.26 5.74 -8.87
CA ASP A 33 -17.17 6.70 -8.98
C ASP A 33 -15.82 6.03 -8.78
N LYS A 34 -15.75 5.01 -7.93
CA LYS A 34 -14.51 4.27 -7.74
C LYS A 34 -14.07 3.57 -9.02
N GLN A 35 -15.02 3.01 -9.77
CA GLN A 35 -14.67 2.34 -11.02
C GLN A 35 -14.07 3.32 -12.03
N VAL A 36 -14.67 4.51 -12.15
CA VAL A 36 -14.15 5.51 -13.07
C VAL A 36 -12.80 6.02 -12.61
N TYR A 37 -12.62 6.24 -11.32
CA TYR A 37 -11.37 6.79 -10.81
C TYR A 37 -10.20 5.83 -11.04
N ARG A 38 -10.41 4.54 -10.80
CA ARG A 38 -9.33 3.57 -10.94
C ARG A 38 -9.02 3.26 -12.39
N ALA A 39 -9.94 3.49 -13.31
CA ALA A 39 -9.74 3.19 -14.71
C ALA A 39 -9.10 4.32 -15.48
N THR A 40 -8.92 5.48 -14.86
CA THR A 40 -8.35 6.65 -15.52
C THR A 40 -6.93 6.88 -15.02
N HIS A 41 -6.03 7.17 -15.95
CA HIS A 41 -4.67 7.56 -15.62
C HIS A 41 -4.56 9.07 -15.68
N ARG A 42 -4.14 9.68 -14.58
CA ARG A 42 -3.98 11.13 -14.54
C ARG A 42 -2.50 11.47 -14.54
N LEU A 43 -2.14 12.46 -15.36
CA LEU A 43 -0.76 12.83 -15.61
C LEU A 43 -0.57 14.31 -15.33
N LEU A 44 0.60 14.67 -14.82
CA LEU A 44 0.98 16.06 -14.65
C LEU A 44 1.92 16.47 -15.78
N LEU A 45 1.58 17.55 -16.46
CA LEU A 45 2.38 18.08 -17.56
C LEU A 45 3.17 19.28 -17.04
N LEU A 46 4.48 19.13 -16.95
CA LEU A 46 5.38 20.19 -16.50
C LEU A 46 6.22 20.65 -17.68
N GLY A 47 6.20 21.94 -17.95
CA GLY A 47 6.91 22.48 -19.09
C GLY A 47 7.94 23.54 -18.72
N SER A 205 -8.64 27.98 -15.64
CA SER A 205 -7.73 29.10 -15.41
C SER A 205 -6.61 28.72 -14.46
N GLY A 206 -6.98 28.20 -13.29
CA GLY A 206 -5.97 27.79 -12.32
C GLY A 206 -5.26 26.50 -12.72
N ILE A 207 -5.92 25.68 -13.52
CA ILE A 207 -5.34 24.44 -14.02
C ILE A 207 -6.16 23.99 -15.22
N PHE A 208 -5.48 23.49 -16.24
CA PHE A 208 -6.13 23.09 -17.49
C PHE A 208 -6.12 21.57 -17.59
N GLU A 209 -7.27 21.01 -17.98
CA GLU A 209 -7.45 19.54 -18.02
C GLU A 209 -7.63 19.09 -19.48
N THR A 210 -6.86 18.09 -19.89
CA THR A 210 -6.92 17.52 -21.23
C THR A 210 -7.26 16.04 -21.13
N LYS A 211 -8.34 15.65 -21.80
CA LYS A 211 -8.75 14.25 -21.86
C LYS A 211 -8.37 13.69 -23.22
N PHE A 212 -7.57 12.63 -23.23
CA PHE A 212 -7.30 11.87 -24.43
C PHE A 212 -7.36 10.39 -24.11
N GLN A 213 -7.54 9.58 -25.14
CA GLN A 213 -7.80 8.16 -24.99
C GLN A 213 -6.96 7.39 -25.99
N VAL A 214 -6.23 6.40 -25.49
CA VAL A 214 -5.35 5.57 -26.31
C VAL A 214 -5.68 4.11 -26.04
N ASP A 215 -6.15 3.41 -27.07
CA ASP A 215 -6.52 2.00 -26.96
C ASP A 215 -7.53 1.76 -25.84
N LYS A 216 -8.57 2.60 -25.81
CA LYS A 216 -9.68 2.52 -24.86
C LYS A 216 -9.28 2.84 -23.44
N VAL A 217 -8.05 3.28 -23.20
CA VAL A 217 -7.59 3.68 -21.87
C VAL A 217 -7.73 5.19 -21.76
N ASN A 218 -8.29 5.64 -20.63
CA ASN A 218 -8.58 7.05 -20.44
C ASN A 218 -7.43 7.73 -19.70
N PHE A 219 -6.96 8.84 -20.27
CA PHE A 219 -5.89 9.64 -19.69
C PHE A 219 -6.39 11.05 -19.42
N HIS A 220 -6.14 11.53 -18.21
CA HIS A 220 -6.45 12.90 -17.81
C HIS A 220 -5.14 13.62 -17.55
N MET A 221 -4.80 14.57 -18.41
CA MET A 221 -3.55 15.31 -18.29
C MET A 221 -3.85 16.70 -17.74
N PHE A 222 -3.11 17.11 -16.72
CA PHE A 222 -3.33 18.37 -16.03
C PHE A 222 -2.11 19.25 -16.21
N ASP A 223 -2.30 20.41 -16.81
CA ASP A 223 -1.26 21.41 -16.99
C ASP A 223 -1.57 22.60 -16.11
N VAL A 224 -0.64 22.95 -15.24
CA VAL A 224 -0.87 24.06 -14.31
C VAL A 224 -0.73 25.37 -15.06
N GLY A 225 -1.73 26.25 -14.90
CA GLY A 225 -1.66 27.59 -15.43
C GLY A 225 -2.15 28.58 -14.40
N ALA A 226 -1.60 29.78 -14.46
CA ALA A 226 -1.88 30.82 -13.47
C ALA A 226 -1.51 30.37 -12.06
N GLN A 227 -0.34 29.74 -11.94
CA GLN A 227 0.31 29.52 -10.66
C GLN A 227 1.66 30.21 -10.70
N ARG A 228 2.09 30.72 -9.56
CA ARG A 228 3.38 31.40 -9.49
C ARG A 228 4.51 30.41 -9.71
N ASP A 229 5.72 30.94 -9.93
CA ASP A 229 6.87 30.09 -10.24
C ASP A 229 7.34 29.29 -9.02
N GLU A 230 6.82 29.57 -7.84
CA GLU A 230 7.14 28.76 -6.67
C GLU A 230 6.24 27.54 -6.63
N ARG A 231 6.83 26.35 -6.68
CA ARG A 231 6.10 25.11 -6.86
C ARG A 231 6.10 24.22 -5.63
N ARG A 232 6.88 24.53 -4.60
CA ARG A 232 7.15 23.56 -3.55
C ARG A 232 5.90 23.17 -2.77
N LYS A 233 4.85 23.99 -2.84
CA LYS A 233 3.63 23.65 -2.13
C LYS A 233 2.60 22.97 -3.03
N TRP A 234 2.30 23.53 -4.20
CA TRP A 234 1.25 22.95 -5.02
C TRP A 234 1.69 21.72 -5.79
N ILE A 235 2.99 21.43 -5.87
CA ILE A 235 3.45 20.25 -6.58
C ILE A 235 3.18 18.98 -5.77
N GLN A 236 2.95 19.10 -4.47
CA GLN A 236 2.64 17.93 -3.66
C GLN A 236 1.27 17.35 -3.99
N CYS A 237 0.41 18.11 -4.68
CA CYS A 237 -0.90 17.60 -5.05
C CYS A 237 -0.82 16.46 -6.05
N PHE A 238 0.34 16.27 -6.68
CA PHE A 238 0.50 15.30 -7.75
C PHE A 238 1.42 14.15 -7.37
N ASN A 239 1.40 13.73 -6.11
CA ASN A 239 2.25 12.61 -5.71
C ASN A 239 1.70 11.28 -6.19
N ASP A 240 0.42 11.24 -6.57
CA ASP A 240 -0.23 9.99 -6.93
C ASP A 240 -0.75 10.01 -8.36
N VAL A 241 -0.18 10.84 -9.23
CA VAL A 241 -0.45 10.70 -10.65
C VAL A 241 0.28 9.46 -11.16
N THR A 242 -0.14 8.95 -12.31
CA THR A 242 0.56 7.82 -12.91
C THR A 242 1.99 8.20 -13.26
N ALA A 243 2.17 9.36 -13.88
CA ALA A 243 3.48 9.84 -14.23
C ALA A 243 3.43 11.36 -14.31
N ILE A 244 4.61 11.97 -14.18
CA ILE A 244 4.80 13.38 -14.49
C ILE A 244 5.44 13.44 -15.86
N ILE A 245 4.83 14.20 -16.76
CA ILE A 245 5.43 14.42 -18.07
C ILE A 245 6.26 15.69 -18.00
N PHE A 246 7.56 15.55 -18.19
CA PHE A 246 8.51 16.63 -18.06
C PHE A 246 8.98 17.00 -19.46
N VAL A 247 8.58 18.16 -19.95
CA VAL A 247 8.95 18.63 -21.27
C VAL A 247 10.09 19.62 -21.12
N VAL A 248 11.20 19.36 -21.80
CA VAL A 248 12.43 20.13 -21.66
C VAL A 248 12.63 20.97 -22.91
N ALA A 249 12.81 22.28 -22.73
CA ALA A 249 13.07 23.17 -23.84
C ALA A 249 14.56 23.35 -24.06
N ASN A 264 20.49 29.95 -19.69
CA ASN A 264 20.69 28.52 -19.50
C ASN A 264 19.41 27.82 -19.09
N ARG A 265 18.50 27.66 -20.05
CA ARG A 265 17.23 27.00 -19.78
C ARG A 265 17.40 25.50 -19.56
N LEU A 266 18.47 24.91 -20.08
CA LEU A 266 18.70 23.48 -19.92
C LEU A 266 19.15 23.12 -18.52
N GLN A 267 20.04 23.93 -17.92
CA GLN A 267 20.46 23.67 -16.55
C GLN A 267 19.32 23.89 -15.57
N ALA A 268 18.48 24.89 -15.82
CA ALA A 268 17.31 25.11 -14.99
C ALA A 268 16.36 23.92 -15.04
N ALA A 269 16.21 23.31 -16.22
CA ALA A 269 15.39 22.10 -16.33
C ALA A 269 16.03 20.93 -15.59
N LEU A 270 17.36 20.84 -15.60
CA LEU A 270 18.03 19.79 -14.85
C LEU A 270 17.83 19.97 -13.34
N LYS A 271 17.89 21.22 -12.86
CA LYS A 271 17.65 21.48 -11.46
C LYS A 271 16.21 21.17 -11.06
N LEU A 272 15.25 21.51 -11.92
CA LEU A 272 13.85 21.21 -11.62
C LEU A 272 13.60 19.72 -11.58
N PHE A 273 14.16 18.98 -12.53
CA PHE A 273 14.04 17.53 -12.53
C PHE A 273 14.70 16.92 -11.31
N ASP A 274 15.83 17.48 -10.89
CA ASP A 274 16.53 16.98 -9.72
C ASP A 274 15.68 17.10 -8.46
N SER A 275 15.01 18.24 -8.26
CA SER A 275 14.22 18.43 -7.06
C SER A 275 12.91 17.68 -7.10
N ILE A 276 12.35 17.43 -8.28
CA ILE A 276 11.19 16.54 -8.38
C ILE A 276 11.61 15.11 -8.04
N TRP A 277 12.72 14.66 -8.62
CA TRP A 277 13.18 13.29 -8.43
C TRP A 277 13.52 13.00 -6.98
N ASN A 278 13.99 13.99 -6.24
CA ASN A 278 14.47 13.80 -4.88
C ASN A 278 13.52 14.33 -3.82
N ASN A 279 12.31 14.75 -4.22
CA ASN A 279 11.31 15.21 -3.25
C ASN A 279 10.68 14.02 -2.56
N LYS A 280 10.51 14.12 -1.24
CA LYS A 280 10.05 12.99 -0.45
C LYS A 280 8.62 12.57 -0.79
N TRP A 281 7.80 13.45 -1.36
CA TRP A 281 6.45 13.08 -1.73
C TRP A 281 6.32 12.63 -3.17
N LEU A 282 7.26 13.00 -4.04
CA LEU A 282 7.27 12.57 -5.42
C LEU A 282 8.25 11.42 -5.67
N ARG A 283 8.72 10.78 -4.61
CA ARG A 283 9.76 9.76 -4.74
C ARG A 283 9.23 8.44 -5.29
N ASP A 284 7.92 8.24 -5.35
CA ASP A 284 7.34 7.08 -5.99
C ASP A 284 6.65 7.41 -7.29
N THR A 285 6.86 8.60 -7.83
CA THR A 285 6.20 9.05 -9.05
C THR A 285 7.18 8.95 -10.21
N SER A 286 6.77 8.29 -11.27
CA SER A 286 7.61 8.14 -12.44
C SER A 286 7.54 9.41 -13.30
N VAL A 287 8.62 9.65 -14.04
CA VAL A 287 8.75 10.84 -14.87
C VAL A 287 8.98 10.41 -16.30
N ILE A 288 8.20 10.96 -17.22
CA ILE A 288 8.37 10.74 -18.64
C ILE A 288 9.00 12.00 -19.21
N LEU A 289 10.27 11.90 -19.62
CA LEU A 289 11.00 13.03 -20.15
C LEU A 289 10.79 13.15 -21.65
N PHE A 290 10.34 14.32 -22.08
CA PHE A 290 10.25 14.64 -23.50
C PHE A 290 11.24 15.77 -23.77
N LEU A 291 12.40 15.43 -24.30
CA LEU A 291 13.43 16.41 -24.62
C LEU A 291 13.01 17.13 -25.89
N ASN A 292 12.17 18.14 -25.71
CA ASN A 292 11.47 18.79 -26.81
C ASN A 292 12.44 19.51 -27.74
N LYS A 293 11.89 20.09 -28.80
CA LYS A 293 12.63 20.90 -29.76
C LYS A 293 13.72 20.07 -30.45
N GLN A 294 13.32 18.93 -30.99
CA GLN A 294 14.24 18.10 -31.77
C GLN A 294 14.73 18.85 -33.00
N ASP A 295 13.82 19.51 -33.72
CA ASP A 295 14.21 20.28 -34.89
C ASP A 295 15.00 21.53 -34.50
N LEU A 296 14.61 22.20 -33.41
CA LEU A 296 15.35 23.38 -32.95
C LEU A 296 16.77 23.01 -32.58
N LEU A 297 16.95 21.92 -31.83
CA LEU A 297 18.29 21.44 -31.54
C LEU A 297 19.01 21.03 -32.81
N ALA A 298 18.27 20.55 -33.81
CA ALA A 298 18.88 20.16 -35.07
C ALA A 298 19.37 21.37 -35.85
N GLU A 299 18.65 22.49 -35.80
CA GLU A 299 19.03 23.68 -36.55
C GLU A 299 19.95 24.61 -35.78
N LYS A 300 19.79 24.68 -34.45
CA LYS A 300 20.68 25.51 -33.65
C LYS A 300 22.13 25.03 -33.68
N VAL A 301 22.35 23.74 -33.90
CA VAL A 301 23.70 23.19 -33.79
C VAL A 301 24.61 23.64 -34.94
N LEU A 302 24.05 24.21 -36.00
CA LEU A 302 24.83 24.65 -37.15
C LEU A 302 25.42 26.04 -36.86
N ALA A 303 26.57 26.03 -36.19
CA ALA A 303 27.37 27.22 -35.91
C ALA A 303 26.61 28.29 -35.13
N GLY A 304 25.49 27.91 -34.51
CA GLY A 304 24.75 28.83 -33.67
C GLY A 304 24.44 28.20 -32.33
N LYS A 305 25.21 27.16 -31.99
CA LYS A 305 24.95 26.34 -30.81
C LYS A 305 25.62 26.98 -29.61
N SER A 306 24.80 27.54 -28.72
CA SER A 306 25.27 28.11 -27.46
C SER A 306 24.72 27.40 -26.23
N LYS A 307 23.50 26.84 -26.33
CA LYS A 307 22.82 26.32 -25.16
C LYS A 307 23.41 25.01 -24.64
N ILE A 308 24.33 24.40 -25.38
CA ILE A 308 24.92 23.14 -24.95
C ILE A 308 26.43 23.24 -24.91
N GLU A 309 27.01 24.13 -25.71
CA GLU A 309 28.47 24.21 -25.74
C GLU A 309 29.03 25.20 -24.73
N ASP A 310 28.47 26.41 -24.67
CA ASP A 310 28.94 27.39 -23.70
C ASP A 310 28.54 27.03 -22.28
N TYR A 311 27.32 26.53 -22.10
CA TYR A 311 26.83 26.21 -20.76
C TYR A 311 27.32 24.86 -20.24
N PHE A 312 27.80 23.98 -21.10
CA PHE A 312 28.27 22.66 -20.70
C PHE A 312 29.61 22.39 -21.36
N PRO A 313 30.71 22.91 -20.79
CA PRO A 313 32.03 22.69 -21.39
C PRO A 313 32.47 21.23 -21.42
N GLU A 314 31.90 20.37 -20.59
CA GLU A 314 32.23 18.95 -20.63
C GLU A 314 31.62 18.25 -21.84
N PHE A 315 30.77 18.94 -22.60
CA PHE A 315 30.22 18.37 -23.82
C PHE A 315 31.23 18.35 -24.96
N ALA A 316 32.20 19.28 -24.94
CA ALA A 316 33.22 19.30 -25.99
C ALA A 316 34.09 18.06 -25.98
N ARG A 317 34.14 17.32 -24.88
CA ARG A 317 34.84 16.06 -24.81
C ARG A 317 33.90 14.86 -24.67
N TYR A 318 32.66 15.00 -25.13
CA TYR A 318 31.66 13.96 -25.04
C TYR A 318 31.54 13.24 -26.38
N THR A 319 31.42 11.92 -26.33
CA THR A 319 31.26 11.11 -27.53
C THR A 319 29.93 10.37 -27.49
N THR A 320 29.27 10.32 -28.63
CA THR A 320 28.01 9.61 -28.75
C THR A 320 28.22 8.14 -28.39
N PRO A 321 27.40 7.56 -27.52
CA PRO A 321 27.60 6.17 -27.11
C PRO A 321 27.46 5.22 -28.29
N GLU A 322 28.18 4.11 -28.22
CA GLU A 322 28.19 3.15 -29.30
C GLU A 322 26.82 2.49 -29.52
N ASP A 323 26.04 2.30 -28.47
CA ASP A 323 24.71 1.72 -28.58
C ASP A 323 23.65 2.77 -28.91
N ALA A 324 24.05 3.94 -29.41
CA ALA A 324 23.09 4.94 -29.83
C ALA A 324 22.32 4.46 -31.06
N THR A 325 21.03 4.81 -31.12
CA THR A 325 20.16 4.47 -32.24
C THR A 325 19.74 5.76 -32.92
N PRO A 326 20.60 6.37 -33.74
CA PRO A 326 20.26 7.64 -34.38
C PRO A 326 19.15 7.49 -35.41
N GLU A 327 18.39 8.57 -35.57
CA GLU A 327 17.39 8.63 -36.61
C GLU A 327 18.05 8.51 -37.99
N PRO A 328 17.41 7.86 -38.95
CA PRO A 328 18.01 7.78 -40.28
C PRO A 328 17.97 9.12 -41.00
N GLY A 329 19.10 9.81 -41.01
CA GLY A 329 19.21 11.10 -41.66
C GLY A 329 19.12 12.25 -40.69
N GLU A 330 20.28 12.78 -40.28
CA GLU A 330 20.40 13.95 -39.42
C GLU A 330 21.90 14.18 -39.22
N ASP A 331 22.25 15.37 -38.74
CA ASP A 331 23.64 15.68 -38.50
C ASP A 331 24.21 14.74 -37.45
N PRO A 332 25.48 14.34 -37.59
CA PRO A 332 26.13 13.55 -36.54
C PRO A 332 26.38 14.34 -35.27
N ARG A 333 26.17 15.64 -35.29
CA ARG A 333 26.35 16.50 -34.13
C ARG A 333 25.02 16.84 -33.45
N VAL A 334 23.90 16.47 -34.06
CA VAL A 334 22.61 16.58 -33.36
C VAL A 334 22.39 15.36 -32.49
N THR A 335 22.76 14.17 -32.99
CA THR A 335 22.70 12.97 -32.17
C THR A 335 23.66 13.02 -31.00
N ARG A 336 24.79 13.74 -31.13
CA ARG A 336 25.69 13.90 -30.01
C ARG A 336 25.10 14.82 -28.95
N ALA A 337 24.52 15.95 -29.37
CA ALA A 337 23.88 16.85 -28.42
C ALA A 337 22.66 16.21 -27.77
N LYS A 338 21.92 15.38 -28.52
CA LYS A 338 20.75 14.72 -27.97
C LYS A 338 21.11 13.73 -26.87
N TYR A 339 22.13 12.91 -27.11
CA TYR A 339 22.52 11.92 -26.12
C TYR A 339 23.26 12.53 -24.95
N PHE A 340 23.94 13.66 -25.14
CA PHE A 340 24.53 14.36 -24.01
C PHE A 340 23.46 14.86 -23.05
N ILE A 341 22.40 15.47 -23.59
CA ILE A 341 21.31 15.96 -22.76
C ILE A 341 20.63 14.80 -22.04
N ARG A 342 20.41 13.69 -22.75
CA ARG A 342 19.79 12.53 -22.14
C ARG A 342 20.65 11.99 -20.99
N ASP A 343 21.96 11.94 -21.18
CA ASP A 343 22.84 11.46 -20.12
C ASP A 343 22.94 12.43 -18.95
N GLU A 344 22.71 13.72 -19.18
CA GLU A 344 22.65 14.68 -18.08
C GLU A 344 21.47 14.37 -17.16
N PHE A 345 20.33 14.00 -17.74
CA PHE A 345 19.15 13.66 -16.96
C PHE A 345 19.25 12.27 -16.35
N LEU A 346 19.80 11.29 -17.08
CA LEU A 346 19.94 9.96 -16.54
C LEU A 346 20.98 9.90 -15.42
N ARG A 347 21.91 10.85 -15.39
CA ARG A 347 22.82 10.95 -14.26
C ARG A 347 22.08 11.29 -12.97
N ILE A 348 21.07 12.16 -13.05
CA ILE A 348 20.26 12.49 -11.88
C ILE A 348 19.40 11.30 -11.47
N SER A 349 18.76 10.66 -12.44
CA SER A 349 17.78 9.62 -12.15
C SER A 349 18.41 8.32 -11.68
N THR A 350 19.59 7.96 -12.17
CA THR A 350 20.24 6.74 -11.72
C THR A 350 20.84 6.87 -10.32
N ALA A 351 21.21 8.08 -9.91
CA ALA A 351 21.60 8.33 -8.54
C ALA A 351 20.36 8.29 -7.66
N SER A 352 20.27 7.31 -6.76
CA SER A 352 19.18 7.19 -5.80
C SER A 352 17.82 7.03 -6.51
N GLY A 353 17.71 5.93 -7.27
CA GLY A 353 16.44 5.55 -7.85
C GLY A 353 15.72 4.52 -7.02
N ASP A 354 16.45 3.50 -6.58
CA ASP A 354 16.00 2.52 -5.58
C ASP A 354 14.79 1.71 -6.03
N GLY A 355 14.50 1.67 -7.33
CA GLY A 355 13.43 0.84 -7.84
C GLY A 355 12.04 1.18 -7.34
N ARG A 356 11.78 2.46 -7.06
CA ARG A 356 10.45 2.92 -6.66
C ARG A 356 9.78 3.78 -7.72
N HIS A 357 10.57 4.51 -8.49
CA HIS A 357 10.07 5.36 -9.56
C HIS A 357 11.10 5.31 -10.69
N TYR A 358 10.63 5.51 -11.91
CA TYR A 358 11.44 5.28 -13.09
C TYR A 358 11.38 6.49 -13.99
N CYS A 359 12.45 6.71 -14.74
CA CYS A 359 12.55 7.80 -15.69
C CYS A 359 12.48 7.23 -17.08
N TYR A 360 11.63 7.81 -17.93
CA TYR A 360 11.48 7.35 -19.30
C TYR A 360 11.88 8.47 -20.24
N PRO A 361 13.15 8.54 -20.67
CA PRO A 361 13.57 9.63 -21.55
C PRO A 361 13.20 9.36 -23.00
N HIS A 362 12.74 10.41 -23.68
CA HIS A 362 12.27 10.30 -25.09
C HIS A 362 12.72 11.52 -25.89
N PHE A 363 12.46 11.53 -27.20
CA PHE A 363 12.84 12.66 -28.10
C PHE A 363 14.29 12.49 -28.55
N THR A 364 14.99 11.48 -28.03
CA THR A 364 16.36 11.18 -28.50
C THR A 364 16.24 10.13 -29.61
N CYS A 365 15.00 9.69 -29.87
CA CYS A 365 14.75 8.67 -30.93
C CYS A 365 13.66 9.18 -31.87
N GLU A 370 3.63 10.30 -32.28
CA GLU A 370 3.79 9.11 -31.42
C GLU A 370 3.87 9.49 -29.94
N ASN A 371 3.79 10.77 -29.60
CA ASN A 371 3.97 11.20 -28.18
C ASN A 371 2.90 10.60 -27.28
N ILE A 372 1.63 10.58 -27.70
CA ILE A 372 0.54 9.96 -26.90
C ILE A 372 0.80 8.45 -26.76
N ARG A 373 1.25 7.79 -27.83
CA ARG A 373 1.58 6.35 -27.77
C ARG A 373 2.75 6.15 -26.80
N ARG A 374 3.74 7.03 -26.85
CA ARG A 374 4.92 6.93 -25.95
C ARG A 374 4.49 7.15 -24.49
N VAL A 375 3.52 8.04 -24.25
CA VAL A 375 2.97 8.18 -22.90
C VAL A 375 2.20 6.94 -22.51
N PHE A 376 1.39 6.41 -23.42
CA PHE A 376 0.60 5.21 -23.15
C PHE A 376 1.48 4.01 -22.86
N ASN A 377 2.55 3.82 -23.66
CA ASN A 377 3.44 2.70 -23.43
C ASN A 377 4.17 2.82 -22.11
N ASP A 378 4.63 4.02 -21.76
CA ASP A 378 5.31 4.21 -20.49
C ASP A 378 4.38 4.06 -19.30
N CYS A 379 3.13 4.51 -19.43
CA CYS A 379 2.17 4.31 -18.36
C CYS A 379 1.84 2.85 -18.16
N ARG A 380 1.77 2.08 -19.24
CA ARG A 380 1.58 0.64 -19.12
C ARG A 380 2.76 -0.03 -18.43
N ASP A 381 3.97 0.39 -18.75
CA ASP A 381 5.15 -0.11 -18.06
C ASP A 381 5.15 0.29 -16.59
N ILE A 382 4.70 1.50 -16.26
CA ILE A 382 4.63 1.94 -14.87
C ILE A 382 3.65 1.08 -14.09
N ILE A 383 2.47 0.82 -14.66
CA ILE A 383 1.47 0.04 -13.97
C ILE A 383 1.95 -1.39 -13.76
N GLN A 384 2.58 -1.97 -14.78
CA GLN A 384 3.10 -3.34 -14.65
C GLN A 384 4.15 -3.44 -13.56
N ARG A 385 5.08 -2.49 -13.51
CA ARG A 385 6.10 -2.52 -12.47
C ARG A 385 5.51 -2.30 -11.09
N MET A 386 4.41 -1.54 -11.00
CA MET A 386 3.73 -1.37 -9.73
C MET A 386 3.12 -2.68 -9.25
N HIS A 387 2.53 -3.45 -10.16
CA HIS A 387 1.94 -4.73 -9.80
C HIS A 387 3.00 -5.78 -9.48
N LEU A 388 4.08 -5.83 -10.25
CA LEU A 388 5.13 -6.81 -9.99
C LEU A 388 5.82 -6.57 -8.66
N ARG A 389 5.79 -5.34 -8.14
CA ARG A 389 6.34 -5.06 -6.83
C ARG A 389 5.42 -5.56 -5.72
N GLN A 390 4.11 -5.49 -5.91
CA GLN A 390 3.19 -6.02 -4.91
C GLN A 390 3.29 -7.53 -4.80
N TYR A 391 3.56 -8.20 -5.91
CA TYR A 391 3.80 -9.65 -5.92
C TYR A 391 5.24 -10.01 -5.62
N GLU A 392 6.07 -9.02 -5.30
CA GLU A 392 7.47 -9.22 -4.93
C GLU A 392 8.24 -9.91 -6.05
N LEU A 393 7.81 -9.68 -7.28
CA LEU A 393 8.48 -10.23 -8.45
C LEU A 393 9.50 -9.27 -9.05
N LEU A 394 9.59 -8.05 -8.54
CA LEU A 394 10.62 -7.11 -8.94
C LEU A 394 11.31 -6.55 -7.71
N GLU B 3 16.27 56.74 -4.18
CA GLU B 3 17.25 55.71 -3.84
C GLU B 3 16.64 54.70 -2.87
N LEU B 4 16.50 53.45 -3.32
CA LEU B 4 15.94 52.41 -2.47
C LEU B 4 16.90 51.94 -1.40
N ASP B 5 18.21 52.17 -1.59
CA ASP B 5 19.17 51.77 -0.57
C ASP B 5 18.94 52.54 0.73
N GLN B 6 18.65 53.84 0.64
CA GLN B 6 18.32 54.61 1.83
C GLN B 6 17.01 54.14 2.45
N LEU B 7 16.03 53.77 1.62
CA LEU B 7 14.82 53.14 2.14
C LEU B 7 15.13 51.76 2.72
N ARG B 8 15.99 50.99 2.06
CA ARG B 8 16.32 49.64 2.52
C ARG B 8 17.05 49.66 3.86
N GLN B 9 17.74 50.75 4.20
CA GLN B 9 18.42 50.86 5.49
C GLN B 9 17.57 51.55 6.55
N GLU B 10 16.55 52.31 6.16
CA GLU B 10 15.59 52.79 7.15
C GLU B 10 14.75 51.64 7.70
N ALA B 11 14.32 50.73 6.84
CA ALA B 11 13.63 49.52 7.28
C ALA B 11 14.52 48.66 8.16
N GLU B 12 15.83 48.71 7.96
CA GLU B 12 16.75 48.02 8.86
C GLU B 12 16.71 48.63 10.26
N GLN B 13 16.60 49.96 10.35
CA GLN B 13 16.53 50.63 11.64
C GLN B 13 15.20 50.35 12.35
N LEU B 14 14.10 50.35 11.60
CA LEU B 14 12.80 50.03 12.20
C LEU B 14 12.74 48.60 12.69
N LYS B 15 13.34 47.65 11.97
CA LYS B 15 13.38 46.28 12.44
C LYS B 15 14.14 46.15 13.75
N ASN B 16 15.22 46.92 13.91
CA ASN B 16 15.94 46.94 15.17
C ASN B 16 15.14 47.62 16.27
N GLN B 17 14.40 48.68 15.94
CA GLN B 17 13.55 49.32 16.92
C GLN B 17 12.45 48.38 17.42
N ILE B 18 11.81 47.64 16.50
CA ILE B 18 10.79 46.69 16.90
C ILE B 18 11.39 45.57 17.73
N ARG B 19 12.56 45.09 17.34
CA ARG B 19 13.20 44.01 18.08
C ARG B 19 13.60 44.45 19.47
N ASP B 20 13.96 45.72 19.64
CA ASP B 20 14.29 46.23 20.96
C ASP B 20 13.05 46.43 21.82
N ALA B 21 11.95 46.89 21.23
CA ALA B 21 10.71 47.01 21.97
C ALA B 21 10.19 45.65 22.43
N ARG B 22 10.31 44.63 21.58
CA ARG B 22 9.95 43.29 21.99
C ARG B 22 10.87 42.75 23.08
N LYS B 23 12.18 43.04 22.97
CA LYS B 23 13.12 42.58 23.97
C LYS B 23 12.86 43.20 25.33
N ALA B 24 12.43 44.46 25.37
CA ALA B 24 12.11 45.11 26.63
C ALA B 24 10.93 44.45 27.34
N CYS B 25 9.97 43.91 26.58
CA CYS B 25 8.80 43.27 27.15
C CYS B 25 9.07 41.84 27.61
N ALA B 26 10.17 41.23 27.18
CA ALA B 26 10.45 39.83 27.51
C ALA B 26 11.17 39.76 28.86
N ASP B 27 10.43 40.16 29.90
CA ASP B 27 10.98 40.11 31.25
C ASP B 27 11.03 38.70 31.80
N ALA B 28 10.07 37.85 31.44
CA ALA B 28 10.07 36.46 31.85
C ALA B 28 9.66 35.62 30.64
N THR B 29 9.74 34.31 30.81
CA THR B 29 9.32 33.38 29.77
C THR B 29 8.12 32.58 30.27
N LEU B 30 7.27 32.17 29.32
CA LEU B 30 6.10 31.37 29.67
C LEU B 30 6.50 30.07 30.35
N SER B 31 7.69 29.56 30.05
CA SER B 31 8.18 28.35 30.71
C SER B 31 8.59 28.59 32.15
N GLN B 32 8.85 29.84 32.52
CA GLN B 32 9.12 30.18 33.92
C GLN B 32 7.84 30.47 34.69
N ILE B 33 6.83 31.03 34.04
CA ILE B 33 5.57 31.32 34.69
C ILE B 33 4.83 30.03 35.04
N THR B 34 4.88 29.04 34.15
CA THR B 34 4.18 27.78 34.34
C THR B 34 5.07 26.68 34.89
N ASN B 35 6.11 27.05 35.64
CA ASN B 35 7.05 26.05 36.15
C ASN B 35 6.46 25.26 37.31
N ASN B 36 5.58 25.87 38.10
CA ASN B 36 5.07 25.26 39.31
C ASN B 36 3.67 24.67 39.16
N ILE B 37 3.13 24.61 37.95
CA ILE B 37 1.82 24.03 37.75
C ILE B 37 1.99 22.54 37.41
N ASP B 38 0.93 21.78 37.67
CA ASP B 38 0.98 20.34 37.47
C ASP B 38 0.96 19.99 35.99
N PRO B 39 1.66 18.94 35.59
CA PRO B 39 1.55 18.46 34.21
C PRO B 39 0.18 17.85 33.96
N VAL B 40 -0.19 17.80 32.68
CA VAL B 40 -1.44 17.15 32.29
C VAL B 40 -1.36 15.64 32.38
N GLY B 41 -0.18 15.09 32.66
CA GLY B 41 -0.05 13.65 32.71
C GLY B 41 0.17 13.06 31.32
N ARG B 42 -0.36 11.87 31.14
CA ARG B 42 -0.32 11.20 29.85
C ARG B 42 -1.71 11.25 29.22
N ILE B 43 -1.77 11.74 27.98
CA ILE B 43 -3.02 11.85 27.24
C ILE B 43 -3.07 10.63 26.33
N GLN B 44 -4.10 9.81 26.48
CA GLN B 44 -4.24 8.57 25.73
C GLN B 44 -5.60 8.58 25.04
N MET B 45 -5.64 9.14 23.85
CA MET B 45 -6.85 9.10 23.04
C MET B 45 -6.84 7.85 22.17
N ARG B 46 -8.04 7.33 21.92
CA ARG B 46 -8.23 6.17 21.08
C ARG B 46 -9.08 6.54 19.88
N THR B 47 -8.88 5.84 18.78
CA THR B 47 -9.72 6.02 17.62
C THR B 47 -11.11 5.48 17.92
N ARG B 48 -12.11 6.35 17.84
CA ARG B 48 -13.50 5.96 18.05
C ARG B 48 -14.25 5.69 16.76
N ARG B 49 -13.93 6.42 15.71
CA ARG B 49 -14.53 6.22 14.40
C ARG B 49 -13.44 6.21 13.34
N THR B 50 -13.69 5.49 12.26
CA THR B 50 -12.89 5.60 11.05
C THR B 50 -13.85 5.82 9.89
N LEU B 51 -13.74 6.99 9.27
CA LEU B 51 -14.63 7.38 8.19
C LEU B 51 -14.02 6.93 6.87
N ARG B 52 -14.71 6.03 6.18
CA ARG B 52 -14.19 5.39 4.97
C ARG B 52 -15.12 5.74 3.82
N GLY B 53 -14.54 5.96 2.64
CA GLY B 53 -15.33 6.34 1.49
C GLY B 53 -14.65 7.30 0.52
N HIS B 54 -13.62 7.99 0.98
CA HIS B 54 -12.81 8.79 0.06
C HIS B 54 -11.88 7.87 -0.74
N LEU B 55 -11.65 8.24 -1.99
CA LEU B 55 -10.83 7.42 -2.88
C LEU B 55 -9.37 7.86 -2.90
N ALA B 56 -9.12 9.16 -2.85
CA ALA B 56 -7.77 9.70 -2.90
C ALA B 56 -7.43 10.33 -1.56
N LYS B 57 -6.28 10.99 -1.50
CA LYS B 57 -5.83 11.62 -0.27
C LYS B 57 -6.72 12.79 0.13
N ILE B 58 -6.79 13.02 1.42
CA ILE B 58 -7.61 14.07 2.02
C ILE B 58 -6.69 15.23 2.36
N TYR B 59 -7.01 16.44 1.88
CA TYR B 59 -6.33 17.61 2.39
C TYR B 59 -7.06 18.35 3.50
N ALA B 60 -8.38 18.39 3.49
CA ALA B 60 -9.04 19.28 4.44
C ALA B 60 -10.23 18.60 5.07
N MET B 61 -10.46 18.93 6.33
CA MET B 61 -11.71 18.66 7.01
C MET B 61 -12.09 19.90 7.81
N HIS B 62 -13.38 20.00 8.13
CA HIS B 62 -13.83 21.08 9.01
C HIS B 62 -15.06 20.61 9.77
N TRP B 63 -15.03 20.75 11.08
CA TRP B 63 -16.16 20.38 11.92
C TRP B 63 -17.30 21.38 11.77
N GLY B 64 -18.52 20.87 11.93
CA GLY B 64 -19.65 21.74 12.08
C GLY B 64 -19.74 22.33 13.47
N THR B 65 -20.49 23.42 13.60
CA THR B 65 -20.65 24.05 14.90
C THR B 65 -21.48 23.21 15.86
N ASP B 66 -22.23 22.24 15.34
CA ASP B 66 -22.97 21.32 16.19
C ASP B 66 -22.12 20.18 16.71
N SER B 67 -20.85 20.11 16.31
CA SER B 67 -19.87 19.15 16.79
C SER B 67 -20.24 17.71 16.45
N ARG B 68 -21.15 17.53 15.50
CA ARG B 68 -21.56 16.22 15.04
C ARG B 68 -21.27 16.00 13.57
N LEU B 69 -21.62 16.96 12.71
CA LEU B 69 -21.37 16.86 11.29
C LEU B 69 -20.02 17.47 10.95
N LEU B 70 -19.41 16.95 9.89
CA LEU B 70 -18.13 17.46 9.42
C LEU B 70 -18.01 17.20 7.94
N VAL B 71 -17.37 18.13 7.25
CA VAL B 71 -17.11 18.02 5.83
C VAL B 71 -15.64 17.68 5.64
N SER B 72 -15.36 16.85 4.65
CA SER B 72 -13.99 16.50 4.31
C SER B 72 -13.82 16.63 2.81
N ALA B 73 -12.59 16.97 2.39
CA ALA B 73 -12.28 17.21 1.00
C ALA B 73 -11.17 16.28 0.57
N SER B 74 -11.39 15.55 -0.52
CA SER B 74 -10.44 14.61 -1.04
C SER B 74 -10.14 14.95 -2.49
N GLN B 75 -8.92 14.66 -2.92
CA GLN B 75 -8.47 15.00 -4.26
C GLN B 75 -8.92 14.00 -5.30
N ASP B 76 -9.86 13.12 -4.94
CA ASP B 76 -10.65 12.38 -5.91
C ASP B 76 -11.80 13.20 -6.47
N GLY B 77 -12.09 14.35 -5.87
CA GLY B 77 -13.12 15.24 -6.36
C GLY B 77 -14.43 15.16 -5.61
N LYS B 78 -14.38 14.88 -4.32
CA LYS B 78 -15.58 14.78 -3.49
C LYS B 78 -15.48 15.63 -2.24
N LEU B 79 -16.58 16.28 -1.91
CA LEU B 79 -16.86 16.74 -0.56
C LEU B 79 -17.83 15.74 0.06
N ILE B 80 -17.48 15.22 1.22
CA ILE B 80 -18.36 14.32 1.96
C ILE B 80 -18.68 14.97 3.30
N ILE B 81 -19.96 15.16 3.57
CA ILE B 81 -20.42 15.52 4.91
C ILE B 81 -20.74 14.23 5.65
N TRP B 82 -20.08 14.01 6.77
CA TRP B 82 -20.26 12.82 7.58
C TRP B 82 -21.08 13.13 8.81
N ASP B 83 -21.83 12.13 9.27
CA ASP B 83 -22.37 12.13 10.62
C ASP B 83 -21.41 11.33 11.48
N SER B 84 -20.63 12.04 12.30
CA SER B 84 -19.58 11.36 13.07
C SER B 84 -20.15 10.43 14.13
N TYR B 85 -21.35 10.70 14.65
CA TYR B 85 -21.92 9.83 15.67
C TYR B 85 -22.23 8.45 15.09
N THR B 86 -22.74 8.39 13.87
CA THR B 86 -23.20 7.14 13.28
C THR B 86 -22.36 6.70 12.08
N THR B 87 -21.35 7.48 11.70
CA THR B 87 -20.47 7.22 10.55
C THR B 87 -21.21 7.27 9.22
N ASN B 88 -22.49 7.62 9.23
CA ASN B 88 -23.26 7.72 8.00
C ASN B 88 -22.81 8.92 7.19
N LYS B 89 -22.79 8.76 5.87
CA LYS B 89 -22.54 9.90 4.99
C LYS B 89 -23.85 10.61 4.72
N VAL B 90 -23.83 11.93 4.88
CA VAL B 90 -25.04 12.72 4.68
C VAL B 90 -25.11 13.27 3.27
N HIS B 91 -24.00 13.82 2.77
CA HIS B 91 -23.92 14.29 1.39
C HIS B 91 -22.58 13.87 0.81
N ALA B 92 -22.58 13.65 -0.51
CA ALA B 92 -21.35 13.46 -1.26
C ALA B 92 -21.43 14.38 -2.47
N ILE B 93 -20.61 15.43 -2.46
CA ILE B 93 -20.68 16.50 -3.44
C ILE B 93 -19.55 16.29 -4.44
N PRO B 94 -19.84 16.05 -5.71
CA PRO B 94 -18.77 16.00 -6.72
C PRO B 94 -18.34 17.41 -7.12
N LEU B 95 -17.03 17.59 -7.22
CA LEU B 95 -16.44 18.88 -7.52
C LEU B 95 -16.04 18.97 -8.98
N ARG B 96 -16.16 20.17 -9.55
CA ARG B 96 -15.76 20.37 -10.94
C ARG B 96 -14.28 20.13 -11.12
N SER B 97 -13.46 20.62 -10.20
CA SER B 97 -12.02 20.41 -10.21
C SER B 97 -11.66 19.44 -9.09
N SER B 98 -10.86 18.44 -9.41
CA SER B 98 -10.52 17.41 -8.44
C SER B 98 -9.35 17.79 -7.53
N TRP B 99 -8.71 18.94 -7.76
CA TRP B 99 -7.55 19.32 -6.97
C TRP B 99 -7.94 20.30 -5.86
N VAL B 100 -8.79 19.82 -4.97
CA VAL B 100 -9.27 20.63 -3.86
C VAL B 100 -8.25 20.57 -2.73
N MET B 101 -7.97 21.72 -2.13
CA MET B 101 -7.00 21.79 -1.05
C MET B 101 -7.57 22.33 0.24
N THR B 102 -8.79 22.88 0.22
CA THR B 102 -9.38 23.42 1.43
C THR B 102 -10.88 23.21 1.38
N CYS B 103 -11.48 23.16 2.56
CA CYS B 103 -12.93 23.11 2.69
C CYS B 103 -13.32 23.77 4.01
N ALA B 104 -14.48 24.41 4.00
CA ALA B 104 -15.02 25.06 5.17
C ALA B 104 -16.48 24.70 5.30
N TYR B 105 -16.94 24.63 6.55
CA TYR B 105 -18.37 24.40 6.87
C TYR B 105 -18.90 25.70 7.48
N ALA B 106 -19.99 26.24 6.91
CA ALA B 106 -20.50 27.50 7.43
C ALA B 106 -21.03 27.31 8.86
N PRO B 107 -20.90 28.34 9.71
CA PRO B 107 -21.38 28.21 11.09
C PRO B 107 -22.88 27.92 11.19
N SER B 108 -23.69 28.42 10.27
CA SER B 108 -25.10 28.11 10.28
C SER B 108 -25.38 26.66 9.90
N GLY B 109 -24.45 26.01 9.22
CA GLY B 109 -24.66 24.68 8.71
C GLY B 109 -25.28 24.63 7.33
N ASN B 110 -25.57 25.78 6.73
CA ASN B 110 -26.31 25.83 5.47
C ASN B 110 -25.42 25.74 4.26
N TYR B 111 -24.11 25.97 4.39
CA TYR B 111 -23.21 26.01 3.26
C TYR B 111 -21.91 25.30 3.57
N VAL B 112 -21.26 24.82 2.53
CA VAL B 112 -19.87 24.41 2.58
C VAL B 112 -19.14 25.13 1.46
N ALA B 113 -17.85 25.34 1.66
CA ALA B 113 -17.00 25.95 0.66
C ALA B 113 -15.79 25.05 0.42
N CYS B 114 -15.26 25.12 -0.79
CA CYS B 114 -14.04 24.37 -1.11
C CYS B 114 -13.33 25.10 -2.24
N GLY B 115 -12.06 24.76 -2.40
CA GLY B 115 -11.25 25.36 -3.45
C GLY B 115 -9.90 24.70 -3.49
N GLY B 116 -9.13 25.04 -4.50
CA GLY B 116 -7.85 24.41 -4.70
C GLY B 116 -7.10 24.98 -5.88
N LEU B 117 -6.56 24.09 -6.72
CA LEU B 117 -5.72 24.50 -7.83
C LEU B 117 -6.47 25.21 -8.94
N ASP B 118 -7.80 25.27 -8.89
CA ASP B 118 -8.59 26.01 -9.86
C ASP B 118 -8.67 27.49 -9.55
N ASN B 119 -8.08 27.94 -8.44
CA ASN B 119 -8.05 29.33 -8.00
C ASN B 119 -9.45 29.86 -7.71
N ILE B 120 -10.37 29.00 -7.30
CA ILE B 120 -11.78 29.36 -7.14
C ILE B 120 -12.27 28.82 -5.81
N CYS B 121 -12.99 29.66 -5.07
CA CYS B 121 -13.76 29.21 -3.92
C CYS B 121 -15.21 28.98 -4.34
N SER B 122 -15.70 27.77 -4.15
CA SER B 122 -17.04 27.38 -4.57
C SER B 122 -17.90 27.19 -3.33
N ILE B 123 -19.05 27.86 -3.30
CA ILE B 123 -20.00 27.76 -2.19
C ILE B 123 -21.10 26.79 -2.61
N TYR B 124 -21.43 25.86 -1.73
CA TYR B 124 -22.46 24.86 -2.01
C TYR B 124 -23.60 25.03 -1.02
N ASN B 125 -24.81 25.12 -1.55
CA ASN B 125 -25.99 25.22 -0.70
C ASN B 125 -26.41 23.82 -0.24
N LEU B 126 -26.40 23.61 1.07
CA LEU B 126 -26.80 22.33 1.63
C LEU B 126 -28.29 22.24 1.91
N LYS B 127 -29.00 23.37 1.95
CA LYS B 127 -30.40 23.39 2.33
C LYS B 127 -31.29 23.87 1.19
N THR B 128 -31.04 23.37 -0.02
CA THR B 128 -31.85 23.77 -1.16
C THR B 128 -33.28 23.28 -1.00
N ARG B 129 -34.21 24.03 -1.59
CA ARG B 129 -35.63 23.69 -1.49
C ARG B 129 -35.93 22.34 -2.10
N GLU B 130 -35.34 22.05 -3.27
CA GLU B 130 -35.60 20.77 -3.93
C GLU B 130 -35.07 19.61 -3.10
N GLY B 131 -33.86 19.73 -2.57
CA GLY B 131 -33.23 18.68 -1.81
C GLY B 131 -31.84 18.30 -2.28
N ASN B 132 -31.41 18.75 -3.46
CA ASN B 132 -30.09 18.45 -3.95
C ASN B 132 -29.10 19.53 -3.48
N VAL B 133 -27.81 19.23 -3.64
CA VAL B 133 -26.74 20.15 -3.27
C VAL B 133 -26.15 20.70 -4.56
N ARG B 134 -26.24 22.02 -4.73
CA ARG B 134 -25.78 22.68 -5.94
C ARG B 134 -24.79 23.79 -5.58
N VAL B 135 -24.00 24.19 -6.58
CA VAL B 135 -23.08 25.31 -6.39
C VAL B 135 -23.89 26.57 -6.22
N SER B 136 -23.65 27.28 -5.11
CA SER B 136 -24.32 28.56 -4.89
C SER B 136 -23.58 29.68 -5.62
N ARG B 137 -22.29 29.84 -5.32
CA ARG B 137 -21.45 30.84 -5.97
C ARG B 137 -20.11 30.22 -6.31
N GLU B 138 -19.41 30.82 -7.25
CA GLU B 138 -17.99 30.56 -7.48
C GLU B 138 -17.25 31.88 -7.41
N LEU B 139 -16.43 32.04 -6.38
CA LEU B 139 -15.72 33.28 -6.12
C LEU B 139 -14.39 33.26 -6.86
N ALA B 140 -14.32 34.00 -7.95
CA ALA B 140 -13.11 34.11 -8.75
C ALA B 140 -12.43 35.44 -8.51
N GLY B 141 -11.11 35.47 -8.71
CA GLY B 141 -10.35 36.68 -8.48
C GLY B 141 -8.96 36.44 -7.94
N HIS B 142 -8.74 35.28 -7.33
CA HIS B 142 -7.40 34.89 -6.93
C HIS B 142 -6.60 34.42 -8.13
N THR B 143 -5.31 34.77 -8.16
CA THR B 143 -4.43 34.35 -9.24
C THR B 143 -3.52 33.20 -8.82
N GLY B 144 -3.82 32.56 -7.69
CA GLY B 144 -3.11 31.39 -7.25
C GLY B 144 -4.07 30.50 -6.49
N TYR B 145 -3.64 29.27 -6.24
CA TYR B 145 -4.51 28.27 -5.65
C TYR B 145 -5.00 28.72 -4.29
N LEU B 146 -6.20 28.26 -3.92
CA LEU B 146 -6.72 28.52 -2.58
C LEU B 146 -6.21 27.46 -1.61
N SER B 147 -5.62 27.92 -0.52
CA SER B 147 -5.10 27.02 0.48
C SER B 147 -5.95 26.93 1.73
N CYS B 148 -6.78 27.94 2.01
CA CYS B 148 -7.67 27.91 3.15
C CYS B 148 -8.83 28.87 2.88
N CYS B 149 -9.95 28.60 3.54
CA CYS B 149 -11.12 29.45 3.48
C CYS B 149 -11.90 29.25 4.77
N ARG B 150 -12.56 30.31 5.25
CA ARG B 150 -13.32 30.26 6.49
C ARG B 150 -14.50 31.21 6.39
N PHE B 151 -15.68 30.73 6.75
CA PHE B 151 -16.87 31.58 6.75
C PHE B 151 -16.86 32.50 7.96
N LEU B 152 -17.22 33.76 7.74
CA LEU B 152 -17.53 34.66 8.84
C LEU B 152 -19.01 34.53 9.21
N ASP B 153 -19.87 34.54 8.22
CA ASP B 153 -21.28 34.22 8.35
C ASP B 153 -21.72 33.62 7.02
N ASP B 154 -23.04 33.56 6.80
CA ASP B 154 -23.54 33.03 5.54
C ASP B 154 -23.18 33.89 4.35
N ASN B 155 -22.83 35.16 4.56
CA ASN B 155 -22.57 36.07 3.47
C ASN B 155 -21.12 36.50 3.32
N GLN B 156 -20.25 36.23 4.30
CA GLN B 156 -18.85 36.61 4.20
C GLN B 156 -17.97 35.39 4.39
N ILE B 157 -16.99 35.25 3.51
CA ILE B 157 -15.97 34.20 3.63
C ILE B 157 -14.62 34.84 3.35
N VAL B 158 -13.62 34.46 4.14
CA VAL B 158 -12.25 34.92 3.98
C VAL B 158 -11.42 33.76 3.43
N THR B 159 -10.59 34.05 2.43
CA THR B 159 -9.79 33.04 1.74
C THR B 159 -8.33 33.46 1.76
N SER B 160 -7.45 32.46 1.70
CA SER B 160 -6.02 32.67 1.54
C SER B 160 -5.58 31.93 0.28
N SER B 161 -4.51 32.43 -0.34
CA SER B 161 -4.17 31.95 -1.67
C SER B 161 -2.66 31.86 -1.85
N GLY B 162 -2.26 31.06 -2.83
CA GLY B 162 -0.89 30.97 -3.28
C GLY B 162 -0.39 32.17 -4.04
N ASP B 163 -1.24 33.16 -4.30
CA ASP B 163 -0.82 34.42 -4.89
C ASP B 163 -0.36 35.42 -3.83
N THR B 164 -0.13 34.95 -2.60
CA THR B 164 0.44 35.72 -1.47
C THR B 164 -0.56 36.70 -0.86
N THR B 165 -1.86 36.54 -1.13
CA THR B 165 -2.85 37.45 -0.58
C THR B 165 -3.96 36.69 0.13
N CYS B 166 -4.71 37.43 0.92
CA CYS B 166 -5.96 36.97 1.51
C CYS B 166 -7.06 37.91 1.07
N ALA B 167 -8.28 37.38 0.92
CA ALA B 167 -9.39 38.17 0.43
C ALA B 167 -10.63 37.95 1.28
N LEU B 168 -11.43 38.99 1.43
CA LEU B 168 -12.75 38.90 2.03
C LEU B 168 -13.79 39.06 0.93
N TRP B 169 -14.76 38.16 0.89
CA TRP B 169 -15.73 38.10 -0.18
C TRP B 169 -17.12 38.40 0.33
N ASP B 170 -17.90 39.09 -0.51
CA ASP B 170 -19.35 39.15 -0.35
C ASP B 170 -19.95 38.06 -1.22
N ILE B 171 -20.60 37.08 -0.59
CA ILE B 171 -20.99 35.89 -1.33
C ILE B 171 -22.14 36.19 -2.29
N GLU B 172 -23.11 37.02 -1.87
CA GLU B 172 -24.25 37.30 -2.74
C GLU B 172 -23.83 38.03 -4.01
N THR B 173 -22.99 39.06 -3.90
CA THR B 173 -22.51 39.76 -5.08
C THR B 173 -21.33 39.06 -5.75
N GLY B 174 -20.71 38.09 -5.08
CA GLY B 174 -19.58 37.40 -5.64
C GLY B 174 -18.34 38.23 -5.80
N GLN B 175 -18.28 39.38 -5.12
CA GLN B 175 -17.20 40.33 -5.31
C GLN B 175 -16.24 40.31 -4.13
N GLN B 176 -14.99 40.67 -4.41
CA GLN B 176 -13.93 40.70 -3.42
C GLN B 176 -14.01 42.03 -2.67
N THR B 177 -14.52 41.99 -1.45
CA THR B 177 -14.69 43.21 -0.66
C THR B 177 -13.35 43.81 -0.25
N THR B 178 -12.46 42.99 0.29
CA THR B 178 -11.17 43.45 0.79
C THR B 178 -10.08 42.52 0.32
N THR B 179 -8.88 43.07 0.11
CA THR B 179 -7.69 42.30 -0.17
C THR B 179 -6.66 42.57 0.91
N PHE B 180 -6.04 41.50 1.41
CA PHE B 180 -5.05 41.59 2.48
C PHE B 180 -3.69 41.26 1.88
N THR B 181 -2.89 42.29 1.62
CA THR B 181 -1.59 42.13 0.99
C THR B 181 -0.48 42.40 2.00
N GLY B 182 0.67 41.80 1.77
CA GLY B 182 1.80 42.00 2.65
C GLY B 182 2.67 40.76 2.81
N HIS B 183 2.10 39.59 2.55
CA HIS B 183 2.89 38.37 2.54
C HIS B 183 3.72 38.28 1.26
N THR B 184 4.87 37.65 1.34
CA THR B 184 5.73 37.46 0.18
C THR B 184 5.82 36.02 -0.29
N GLY B 185 5.22 35.08 0.44
CA GLY B 185 5.11 33.71 -0.01
C GLY B 185 3.65 33.29 -0.07
N ASP B 186 3.45 32.05 -0.50
CA ASP B 186 2.11 31.47 -0.51
C ASP B 186 1.51 31.53 0.88
N VAL B 187 0.31 32.09 1.00
CA VAL B 187 -0.41 32.02 2.26
C VAL B 187 -1.06 30.65 2.33
N MET B 188 -0.75 29.90 3.37
CA MET B 188 -1.12 28.49 3.41
C MET B 188 -2.24 28.19 4.38
N SER B 189 -2.47 29.05 5.37
CA SER B 189 -3.46 28.78 6.39
C SER B 189 -3.94 30.10 6.96
N LEU B 190 -5.20 30.14 7.36
CA LEU B 190 -5.75 31.28 8.07
C LEU B 190 -6.64 30.79 9.19
N SER B 191 -6.74 31.60 10.23
CA SER B 191 -7.56 31.26 11.39
C SER B 191 -8.31 32.49 11.82
N LEU B 192 -9.64 32.39 11.90
CA LEU B 192 -10.46 33.49 12.36
C LEU B 192 -10.43 33.57 13.88
N ALA B 193 -10.46 34.80 14.39
CA ALA B 193 -10.55 35.02 15.82
C ALA B 193 -11.93 34.58 16.32
N PRO B 194 -12.04 34.28 17.61
CA PRO B 194 -13.34 33.86 18.15
C PRO B 194 -14.47 34.85 17.89
N ASP B 195 -14.20 36.15 17.89
CA ASP B 195 -15.21 37.15 17.58
C ASP B 195 -15.23 37.54 16.11
N THR B 196 -14.35 36.94 15.29
CA THR B 196 -14.29 37.18 13.85
C THR B 196 -14.04 38.65 13.51
N ARG B 197 -13.40 39.38 14.41
CA ARG B 197 -12.98 40.74 14.08
C ARG B 197 -11.60 40.75 13.47
N LEU B 198 -10.76 39.79 13.84
CA LEU B 198 -9.40 39.65 13.34
C LEU B 198 -9.21 38.25 12.80
N PHE B 199 -8.12 38.05 12.07
CA PHE B 199 -7.68 36.71 11.72
C PHE B 199 -6.18 36.72 11.52
N VAL B 200 -5.56 35.56 11.66
CA VAL B 200 -4.14 35.40 11.43
C VAL B 200 -3.93 34.52 10.21
N SER B 201 -2.85 34.77 9.49
CA SER B 201 -2.50 33.98 8.33
C SER B 201 -1.01 33.68 8.35
N GLY B 202 -0.65 32.44 8.06
CA GLY B 202 0.74 32.02 7.97
C GLY B 202 1.09 31.70 6.53
N ALA B 203 2.30 32.08 6.14
CA ALA B 203 2.71 32.01 4.75
C ALA B 203 4.05 31.31 4.61
N CYS B 204 4.49 31.17 3.36
CA CYS B 204 5.74 30.52 3.03
C CYS B 204 6.93 31.48 3.07
N ASP B 205 6.81 32.56 3.82
CA ASP B 205 7.93 33.45 4.13
C ASP B 205 8.35 33.33 5.59
N ALA B 206 7.90 32.26 6.26
CA ALA B 206 8.19 32.02 7.68
C ALA B 206 7.59 33.10 8.56
N SER B 207 6.52 33.72 8.08
CA SER B 207 5.91 34.87 8.75
C SER B 207 4.43 34.62 8.96
N ALA B 208 3.92 35.15 10.07
CA ALA B 208 2.50 35.17 10.35
C ALA B 208 2.07 36.63 10.54
N LYS B 209 0.88 36.95 10.07
CA LYS B 209 0.36 38.32 10.13
C LYS B 209 -1.02 38.32 10.75
N LEU B 210 -1.32 39.39 11.48
CA LEU B 210 -2.62 39.60 12.09
C LEU B 210 -3.34 40.70 11.32
N TRP B 211 -4.57 40.43 10.92
CA TRP B 211 -5.31 41.31 10.02
C TRP B 211 -6.58 41.82 10.69
N ASP B 212 -6.87 43.09 10.49
CA ASP B 212 -8.15 43.67 10.87
C ASP B 212 -9.13 43.46 9.73
N VAL B 213 -10.20 42.70 9.98
CA VAL B 213 -11.14 42.36 8.93
C VAL B 213 -11.84 43.62 8.40
N ARG B 214 -12.26 44.51 9.28
CA ARG B 214 -12.97 45.71 8.83
C ARG B 214 -12.05 46.67 8.09
N GLU B 215 -10.86 46.93 8.63
CA GLU B 215 -9.97 47.92 8.03
C GLU B 215 -9.26 47.40 6.79
N GLY B 216 -8.92 46.12 6.75
CA GLY B 216 -8.18 45.57 5.64
C GLY B 216 -6.69 45.77 5.71
N MET B 217 -6.15 45.94 6.91
CA MET B 217 -4.74 46.26 7.13
C MET B 217 -4.13 45.33 8.17
N CYS B 218 -2.81 45.20 8.10
CA CYS B 218 -2.06 44.24 8.91
C CYS B 218 -1.65 44.90 10.22
N ARG B 219 -2.21 44.43 11.32
CA ARG B 219 -1.87 45.00 12.63
C ARG B 219 -0.46 44.63 13.06
N GLN B 220 -0.12 43.34 12.98
CA GLN B 220 1.15 42.85 13.51
C GLN B 220 1.69 41.76 12.60
N THR B 221 3.02 41.64 12.59
CA THR B 221 3.72 40.58 11.88
C THR B 221 4.53 39.80 12.90
N PHE B 222 4.49 38.48 12.81
CA PHE B 222 5.15 37.61 13.78
C PHE B 222 6.17 36.75 13.05
N THR B 223 7.41 36.78 13.53
CA THR B 223 8.48 35.98 12.98
C THR B 223 9.07 35.10 14.08
N GLY B 224 9.92 34.18 13.66
CA GLY B 224 10.53 33.24 14.59
C GLY B 224 10.66 31.86 13.99
N HIS B 225 9.79 31.53 13.05
CA HIS B 225 9.90 30.28 12.34
C HIS B 225 11.05 30.34 11.33
N GLU B 226 11.61 29.17 11.05
CA GLU B 226 12.73 29.06 10.13
C GLU B 226 12.32 28.72 8.70
N SER B 227 11.15 28.11 8.53
CA SER B 227 10.71 27.66 7.22
C SER B 227 9.24 28.02 7.03
N ASP B 228 8.62 27.45 6.00
CA ASP B 228 7.24 27.81 5.65
C ASP B 228 6.28 27.43 6.78
N ILE B 229 5.31 28.30 7.03
CA ILE B 229 4.26 28.01 7.99
C ILE B 229 3.11 27.32 7.26
N ASN B 230 2.78 26.11 7.69
CA ASN B 230 1.74 25.32 7.05
C ASN B 230 0.40 25.42 7.75
N ALA B 231 0.39 25.78 9.03
CA ALA B 231 -0.81 25.69 9.85
C ALA B 231 -0.80 26.79 10.89
N ILE B 232 -2.00 27.24 11.26
CA ILE B 232 -2.15 28.34 12.21
C ILE B 232 -3.51 28.18 12.88
N CYS B 233 -3.58 28.59 14.15
CA CYS B 233 -4.80 28.40 14.94
C CYS B 233 -4.77 29.34 16.13
N PHE B 234 -5.83 30.09 16.33
CA PHE B 234 -5.97 30.94 17.52
C PHE B 234 -6.10 30.12 18.80
N PHE B 235 -5.58 30.70 19.88
CA PHE B 235 -5.90 30.24 21.22
C PHE B 235 -7.38 30.54 21.52
N PRO B 236 -8.01 29.71 22.36
CA PRO B 236 -9.45 29.87 22.60
C PRO B 236 -9.91 31.27 23.01
N ASN B 237 -9.10 32.05 23.71
CA ASN B 237 -9.52 33.38 24.13
C ASN B 237 -9.17 34.46 23.12
N GLY B 238 -8.58 34.10 21.98
CA GLY B 238 -8.31 35.04 20.91
C GLY B 238 -7.11 35.93 21.12
N ASN B 239 -6.35 35.74 22.18
CA ASN B 239 -5.21 36.58 22.47
C ASN B 239 -3.88 35.96 22.06
N ALA B 240 -3.89 34.72 21.61
CA ALA B 240 -2.66 34.05 21.19
C ALA B 240 -3.00 33.11 20.06
N PHE B 241 -1.96 32.62 19.38
CA PHE B 241 -2.15 31.64 18.33
C PHE B 241 -0.91 30.77 18.23
N ALA B 242 -1.08 29.60 17.63
CA ALA B 242 0.00 28.65 17.42
C ALA B 242 0.19 28.41 15.94
N THR B 243 1.44 28.20 15.53
CA THR B 243 1.80 27.97 14.15
C THR B 243 2.59 26.67 14.03
N GLY B 244 2.42 25.99 12.91
CA GLY B 244 3.21 24.82 12.59
C GLY B 244 3.96 25.06 11.29
N SER B 245 5.22 24.66 11.27
CA SER B 245 6.09 25.02 10.17
C SER B 245 6.79 23.79 9.62
N ASP B 246 7.46 23.98 8.48
CA ASP B 246 8.29 22.97 7.87
C ASP B 246 9.62 22.77 8.60
N ASP B 247 9.97 23.65 9.53
CA ASP B 247 11.17 23.52 10.33
C ASP B 247 11.01 22.55 11.49
N ALA B 248 9.90 21.83 11.53
CA ALA B 248 9.62 20.75 12.49
C ALA B 248 9.32 21.25 13.90
N THR B 249 8.91 22.51 14.04
CA THR B 249 8.54 23.04 15.34
C THR B 249 7.16 23.68 15.27
N CYS B 250 6.48 23.69 16.42
CA CYS B 250 5.35 24.56 16.65
C CYS B 250 5.80 25.72 17.51
N ARG B 251 5.11 26.85 17.38
CA ARG B 251 5.42 28.02 18.18
C ARG B 251 4.14 28.67 18.62
N LEU B 252 4.20 29.35 19.76
CA LEU B 252 3.05 30.06 20.31
C LEU B 252 3.38 31.54 20.36
N PHE B 253 2.57 32.35 19.68
CA PHE B 253 2.74 33.79 19.65
C PHE B 253 1.58 34.45 20.38
N ASP B 254 1.88 35.58 21.01
CA ASP B 254 0.88 36.32 21.78
C ASP B 254 0.67 37.68 21.13
N LEU B 255 -0.60 38.08 21.02
CA LEU B 255 -0.95 39.30 20.31
C LEU B 255 -0.57 40.55 21.10
N ARG B 256 -0.71 40.53 22.43
CA ARG B 256 -0.48 41.72 23.23
C ARG B 256 0.97 41.89 23.66
N ALA B 257 1.73 40.80 23.80
CA ALA B 257 3.17 40.90 23.99
C ALA B 257 3.93 40.94 22.68
N ASP B 258 3.27 40.61 21.56
CA ASP B 258 3.81 40.80 20.21
C ASP B 258 5.05 39.94 19.96
N GLN B 259 5.10 38.73 20.50
CA GLN B 259 6.28 37.90 20.30
C GLN B 259 5.96 36.45 20.64
N GLU B 260 6.96 35.60 20.44
CA GLU B 260 6.85 34.17 20.67
C GLU B 260 6.93 33.85 22.16
N LEU B 261 6.19 32.82 22.59
CA LEU B 261 6.20 32.38 23.98
C LEU B 261 6.79 30.99 24.16
N MET B 262 6.32 30.00 23.40
CA MET B 262 6.85 28.66 23.41
C MET B 262 7.30 28.21 22.03
N THR B 263 8.18 27.22 22.03
CA THR B 263 8.48 26.39 20.88
C THR B 263 8.22 24.95 21.28
N TYR B 264 7.50 24.24 20.45
CA TYR B 264 7.14 22.84 20.70
C TYR B 264 7.92 21.99 19.71
N SER B 265 9.08 21.52 20.15
CA SER B 265 10.00 20.79 19.30
C SER B 265 10.64 19.67 20.09
N HIS B 266 11.12 18.68 19.36
CA HIS B 266 11.89 17.60 19.95
C HIS B 266 13.02 17.23 19.00
N ASP B 267 14.07 16.63 19.55
CA ASP B 267 15.20 16.22 18.71
C ASP B 267 14.82 15.10 17.76
N ASN B 268 13.90 14.22 18.17
CA ASN B 268 13.49 13.11 17.33
C ASN B 268 12.55 13.53 16.21
N ILE B 269 12.03 14.75 16.25
CA ILE B 269 11.08 15.24 15.24
C ILE B 269 11.85 16.06 14.22
N ILE B 270 11.86 15.58 12.98
CA ILE B 270 12.56 16.26 11.90
C ILE B 270 11.62 16.42 10.70
N CYS B 271 10.34 16.15 10.89
CA CYS B 271 9.33 16.30 9.86
C CYS B 271 8.49 17.53 10.13
N GLY B 272 7.92 18.09 9.07
CA GLY B 272 7.14 19.31 9.22
C GLY B 272 5.79 19.07 9.85
N ILE B 273 5.24 20.14 10.40
CA ILE B 273 3.88 20.15 10.92
C ILE B 273 2.92 20.55 9.82
N THR B 274 1.87 19.75 9.63
CA THR B 274 0.88 20.00 8.61
C THR B 274 -0.38 20.68 9.13
N SER B 275 -0.67 20.55 10.42
CA SER B 275 -1.92 21.05 10.96
C SER B 275 -1.79 21.21 12.48
N VAL B 276 -2.42 22.25 13.02
CA VAL B 276 -2.43 22.48 14.45
C VAL B 276 -3.85 22.81 14.90
N SER B 277 -4.13 22.56 16.17
CA SER B 277 -5.41 22.89 16.76
C SER B 277 -5.28 22.85 18.28
N PHE B 278 -6.02 23.72 18.94
CA PHE B 278 -6.07 23.74 20.38
C PHE B 278 -7.26 22.94 20.89
N SER B 279 -7.17 22.51 22.14
CA SER B 279 -8.29 21.86 22.80
C SER B 279 -9.25 22.94 23.31
N LYS B 280 -10.32 22.52 23.99
CA LYS B 280 -11.37 23.45 24.39
C LYS B 280 -10.83 24.53 25.32
N SER B 281 -10.01 24.17 26.29
CA SER B 281 -9.44 25.13 27.22
C SER B 281 -8.13 25.72 26.75
N GLY B 282 -7.54 25.21 25.67
CA GLY B 282 -6.25 25.66 25.22
C GLY B 282 -5.07 25.05 25.91
N ARG B 283 -5.29 24.11 26.83
CA ARG B 283 -4.18 23.47 27.52
C ARG B 283 -3.42 22.51 26.62
N LEU B 284 -4.09 21.88 25.66
CA LEU B 284 -3.46 20.94 24.76
C LEU B 284 -3.36 21.54 23.38
N LEU B 285 -2.18 21.44 22.79
CA LEU B 285 -1.95 21.82 21.40
C LEU B 285 -1.73 20.56 20.60
N LEU B 286 -2.63 20.26 19.67
CA LEU B 286 -2.55 19.08 18.85
C LEU B 286 -1.99 19.45 17.49
N ALA B 287 -0.97 18.71 17.04
CA ALA B 287 -0.29 19.02 15.80
C ALA B 287 -0.14 17.76 14.95
N GLY B 288 -0.50 17.85 13.68
CA GLY B 288 -0.27 16.77 12.75
C GLY B 288 1.07 16.90 12.06
N TYR B 289 1.66 15.76 11.73
CA TYR B 289 3.04 15.73 11.26
C TYR B 289 3.14 14.94 9.97
N ASP B 290 4.27 15.11 9.29
CA ASP B 290 4.59 14.38 8.08
C ASP B 290 4.99 12.94 8.36
N ASP B 291 5.40 12.62 9.59
CA ASP B 291 5.79 11.26 9.96
C ASP B 291 4.60 10.39 10.32
N PHE B 292 3.41 10.75 9.86
CA PHE B 292 2.17 10.00 9.87
C PHE B 292 1.46 10.10 11.22
N ASN B 293 2.04 10.78 12.20
CA ASN B 293 1.50 10.83 13.56
C ASN B 293 0.96 12.22 13.87
N CYS B 294 0.24 12.29 14.98
CA CYS B 294 -0.16 13.54 15.61
C CYS B 294 0.38 13.57 17.02
N ASN B 295 1.00 14.67 17.41
CA ASN B 295 1.52 14.84 18.76
C ASN B 295 0.61 15.76 19.56
N VAL B 296 0.35 15.37 20.80
CA VAL B 296 -0.38 16.21 21.74
C VAL B 296 0.64 16.93 22.59
N TRP B 297 0.55 18.25 22.64
CA TRP B 297 1.49 19.07 23.37
C TRP B 297 0.80 19.73 24.55
N ASP B 298 1.48 19.77 25.68
CA ASP B 298 1.06 20.62 26.78
C ASP B 298 1.38 22.07 26.41
N ALA B 299 0.36 22.84 26.08
CA ALA B 299 0.58 24.18 25.54
C ALA B 299 1.24 25.12 26.54
N LEU B 300 1.11 24.85 27.84
CA LEU B 300 1.69 25.72 28.85
C LEU B 300 3.08 25.28 29.31
N LYS B 301 3.43 24.01 29.12
CA LYS B 301 4.71 23.49 29.55
C LYS B 301 5.58 22.99 28.40
N ALA B 302 5.04 22.88 27.18
CA ALA B 302 5.79 22.46 26.01
C ALA B 302 6.35 21.05 26.15
N ASP B 303 5.68 20.20 26.92
CA ASP B 303 6.03 18.79 27.04
C ASP B 303 5.06 17.96 26.22
N ARG B 304 5.58 17.03 25.44
CA ARG B 304 4.72 16.16 24.65
C ARG B 304 3.92 15.26 25.57
N ALA B 305 2.60 15.39 25.53
CA ALA B 305 1.72 14.69 26.45
C ALA B 305 1.11 13.43 25.88
N GLY B 306 1.10 13.26 24.57
CA GLY B 306 0.48 12.09 23.98
C GLY B 306 0.78 12.01 22.51
N VAL B 307 0.28 10.95 21.89
CA VAL B 307 0.47 10.68 20.47
C VAL B 307 -0.83 10.12 19.92
N LEU B 308 -1.18 10.50 18.70
CA LEU B 308 -2.23 9.84 17.93
C LEU B 308 -1.56 9.15 16.75
N ALA B 309 -1.53 7.81 16.78
CA ALA B 309 -0.66 7.05 15.89
C ALA B 309 -1.44 6.10 14.98
N GLY B 310 -2.59 6.51 14.49
CA GLY B 310 -3.40 5.60 13.72
C GLY B 310 -3.28 5.65 12.20
N HIS B 311 -2.60 6.65 11.66
CA HIS B 311 -2.62 6.84 10.22
C HIS B 311 -1.42 6.22 9.54
N ASP B 312 -1.63 5.74 8.32
CA ASP B 312 -0.58 5.09 7.54
C ASP B 312 0.09 6.01 6.55
N ASN B 313 -0.46 7.20 6.31
CA ASN B 313 0.18 8.17 5.43
C ASN B 313 0.18 9.53 6.11
N ARG B 314 0.57 10.55 5.36
CA ARG B 314 0.72 11.91 5.90
C ARG B 314 -0.56 12.40 6.55
N VAL B 315 -0.44 12.91 7.78
CA VAL B 315 -1.56 13.58 8.42
C VAL B 315 -1.69 14.98 7.83
N SER B 316 -2.75 15.19 7.05
CA SER B 316 -2.91 16.43 6.32
C SER B 316 -3.75 17.47 7.03
N CYS B 317 -4.64 17.06 7.93
CA CYS B 317 -5.60 17.97 8.51
C CYS B 317 -6.05 17.44 9.86
N LEU B 318 -6.66 18.32 10.64
CA LEU B 318 -6.87 18.08 12.06
C LEU B 318 -7.84 19.11 12.59
N GLY B 319 -8.81 18.69 13.37
CA GLY B 319 -9.77 19.62 13.93
C GLY B 319 -10.42 19.14 15.21
N VAL B 320 -10.74 20.08 16.09
CA VAL B 320 -11.37 19.78 17.38
C VAL B 320 -12.78 20.34 17.36
N THR B 321 -13.73 19.58 17.90
CA THR B 321 -15.11 20.01 17.92
C THR B 321 -15.28 21.25 18.78
N ASP B 322 -16.34 22.01 18.48
CA ASP B 322 -16.61 23.24 19.22
C ASP B 322 -16.97 22.99 20.67
N ASP B 323 -17.45 21.80 21.01
CA ASP B 323 -17.68 21.46 22.41
C ASP B 323 -16.48 20.76 23.04
N GLY B 324 -15.37 20.63 22.31
CA GLY B 324 -14.17 20.03 22.83
C GLY B 324 -14.24 18.54 22.99
N MET B 325 -15.27 17.91 22.45
CA MET B 325 -15.55 16.51 22.73
C MET B 325 -14.67 15.55 21.95
N ALA B 326 -14.25 15.89 20.73
CA ALA B 326 -13.53 14.94 19.93
C ALA B 326 -12.55 15.66 19.01
N VAL B 327 -11.57 14.91 18.53
CA VAL B 327 -10.60 15.37 17.54
C VAL B 327 -10.78 14.51 16.30
N ALA B 328 -10.70 15.13 15.13
CA ALA B 328 -10.74 14.41 13.87
C ALA B 328 -9.46 14.69 13.09
N THR B 329 -8.90 13.65 12.48
CA THR B 329 -7.71 13.78 11.66
C THR B 329 -8.00 13.17 10.30
N GLY B 330 -7.72 13.92 9.25
CA GLY B 330 -7.67 13.34 7.93
C GLY B 330 -6.26 13.01 7.56
N SER B 331 -6.11 12.23 6.49
CA SER B 331 -4.77 11.78 6.13
C SER B 331 -4.72 11.46 4.65
N TRP B 332 -3.50 11.37 4.14
CA TRP B 332 -3.22 11.01 2.76
C TRP B 332 -3.49 9.55 2.48
N ASP B 333 -3.76 8.74 3.51
CA ASP B 333 -4.22 7.38 3.34
C ASP B 333 -5.72 7.29 3.10
N SER B 334 -6.39 8.44 2.98
CA SER B 334 -7.79 8.58 2.57
C SER B 334 -8.79 8.22 3.66
N PHE B 335 -8.40 8.28 4.93
CA PHE B 335 -9.30 7.98 6.03
C PHE B 335 -9.35 9.16 7.00
N LEU B 336 -10.52 9.39 7.58
CA LEU B 336 -10.64 10.26 8.74
C LEU B 336 -10.80 9.39 9.98
N LYS B 337 -10.19 9.81 11.07
CA LYS B 337 -10.36 9.14 12.34
C LYS B 337 -10.87 10.14 13.37
N ILE B 338 -11.82 9.71 14.18
CA ILE B 338 -12.26 10.50 15.32
C ILE B 338 -11.56 9.95 16.56
N TRP B 339 -10.93 10.84 17.32
CA TRP B 339 -10.19 10.47 18.51
C TRP B 339 -10.86 11.07 19.73
N ASN B 340 -10.73 10.39 20.87
CA ASN B 340 -11.38 10.83 22.07
C ASN B 340 -10.74 10.21 23.31
N ALA C 3 8.46 50.16 -9.78
CA ALA C 3 9.83 49.78 -9.47
C ALA C 3 9.91 49.12 -8.09
N SER C 4 11.11 48.67 -7.73
CA SER C 4 11.34 48.08 -6.42
C SER C 4 11.37 49.13 -5.31
N ILE C 5 11.50 50.41 -5.66
CA ILE C 5 11.44 51.46 -4.65
C ILE C 5 10.03 51.57 -4.09
N ALA C 6 9.02 51.43 -4.94
CA ALA C 6 7.64 51.53 -4.48
C ALA C 6 7.28 50.41 -3.51
N GLN C 7 7.88 49.23 -3.68
CA GLN C 7 7.67 48.17 -2.71
C GLN C 7 8.47 48.41 -1.43
N ALA C 8 9.65 49.01 -1.55
CA ALA C 8 10.47 49.30 -0.38
C ALA C 8 9.90 50.43 0.46
N ARG C 9 9.19 51.39 -0.15
CA ARG C 9 8.56 52.44 0.63
C ARG C 9 7.29 51.96 1.33
N LYS C 10 6.60 50.97 0.77
CA LYS C 10 5.47 50.38 1.49
C LYS C 10 5.94 49.55 2.68
N LEU C 11 7.12 48.96 2.59
CA LEU C 11 7.67 48.23 3.73
C LEU C 11 7.96 49.17 4.89
N VAL C 12 8.50 50.36 4.62
CA VAL C 12 8.78 51.32 5.67
C VAL C 12 7.48 51.79 6.33
N GLU C 13 6.45 52.05 5.52
CA GLU C 13 5.17 52.48 6.06
C GLU C 13 4.56 51.43 6.98
N GLN C 14 4.61 50.16 6.58
CA GLN C 14 4.07 49.09 7.41
C GLN C 14 4.89 48.94 8.69
N LEU C 15 6.21 49.08 8.59
CA LEU C 15 7.06 48.92 9.78
C LEU C 15 6.86 50.04 10.77
N LYS C 16 6.64 51.27 10.30
CA LYS C 16 6.39 52.38 11.22
C LYS C 16 5.08 52.18 11.98
N MET C 17 4.01 51.85 11.26
CA MET C 17 2.73 51.56 11.86
C MET C 17 2.79 50.35 12.78
N GLU C 18 3.71 49.43 12.54
CA GLU C 18 3.87 48.25 13.37
C GLU C 18 4.77 48.49 14.56
N ALA C 19 5.69 49.45 14.46
CA ALA C 19 6.57 49.77 15.58
C ALA C 19 5.84 50.53 16.68
N ASN C 20 4.82 51.31 16.32
CA ASN C 20 4.13 52.17 17.29
C ASN C 20 2.86 51.48 17.79
N ILE C 21 3.05 50.37 18.49
CA ILE C 21 1.96 49.65 19.14
C ILE C 21 2.33 49.44 20.60
N ASP C 22 1.31 49.21 21.42
CA ASP C 22 1.49 49.03 22.85
C ASP C 22 1.68 47.55 23.14
N ARG C 23 2.83 47.21 23.73
CA ARG C 23 3.15 45.83 24.07
C ARG C 23 3.19 45.67 25.58
N ILE C 24 2.45 44.69 26.08
CA ILE C 24 2.45 44.35 27.49
C ILE C 24 3.63 43.43 27.78
N LYS C 25 3.93 43.22 29.05
CA LYS C 25 5.00 42.31 29.43
C LYS C 25 4.63 40.87 29.12
N VAL C 26 5.64 40.07 28.80
CA VAL C 26 5.42 38.65 28.55
C VAL C 26 4.98 37.94 29.81
N SER C 27 5.49 38.36 30.97
CA SER C 27 5.06 37.74 32.23
C SER C 27 3.56 37.95 32.48
N LYS C 28 3.05 39.15 32.25
CA LYS C 28 1.62 39.37 32.36
C LYS C 28 0.86 38.64 31.25
N ALA C 29 1.42 38.64 30.06
CA ALA C 29 0.80 37.96 28.92
C ALA C 29 0.74 36.46 29.14
N ALA C 30 1.77 35.88 29.76
CA ALA C 30 1.79 34.46 30.05
C ALA C 30 0.85 34.10 31.20
N ALA C 31 0.70 34.99 32.17
CA ALA C 31 -0.21 34.74 33.28
C ALA C 31 -1.66 34.73 32.83
N ASP C 32 -2.00 35.45 31.77
CA ASP C 32 -3.37 35.46 31.27
C ASP C 32 -3.72 34.16 30.56
N LEU C 33 -2.81 33.61 29.75
CA LEU C 33 -3.03 32.31 29.14
C LEU C 33 -3.11 31.21 30.19
N MET C 34 -2.25 31.25 31.19
CA MET C 34 -2.29 30.26 32.26
C MET C 34 -3.57 30.34 33.05
N ALA C 35 -4.08 31.55 33.29
CA ALA C 35 -5.33 31.72 34.01
C ALA C 35 -6.54 31.33 33.17
N TYR C 36 -6.44 31.37 31.85
CA TYR C 36 -7.55 30.91 31.02
C TYR C 36 -7.67 29.40 31.06
N CYS C 37 -6.56 28.69 30.95
CA CYS C 37 -6.59 27.23 30.97
C CYS C 37 -7.04 26.69 32.33
N GLU C 38 -6.80 27.44 33.40
CA GLU C 38 -7.27 27.02 34.72
C GLU C 38 -8.76 27.24 34.90
N ALA C 39 -9.30 28.33 34.35
CA ALA C 39 -10.71 28.63 34.46
C ALA C 39 -11.57 27.74 33.57
N HIS C 40 -10.97 26.98 32.66
CA HIS C 40 -11.72 26.14 31.74
C HIS C 40 -11.21 24.71 31.73
N ALA C 41 -10.45 24.32 32.75
CA ALA C 41 -9.92 22.96 32.81
C ALA C 41 -11.03 21.93 32.96
N LYS C 42 -12.09 22.26 33.68
CA LYS C 42 -13.19 21.33 33.89
C LYS C 42 -14.08 21.20 32.66
N GLU C 43 -14.01 22.15 31.73
CA GLU C 43 -14.85 22.16 30.54
C GLU C 43 -14.19 21.44 29.36
N ASP C 44 -12.98 20.91 29.55
CA ASP C 44 -12.21 20.31 28.47
C ASP C 44 -12.32 18.79 28.54
N PRO C 45 -13.12 18.15 27.68
CA PRO C 45 -13.23 16.69 27.74
C PRO C 45 -11.96 15.96 27.39
N LEU C 46 -11.10 16.51 26.52
CA LEU C 46 -9.85 15.82 26.19
C LEU C 46 -8.82 15.91 27.31
N LEU C 47 -8.98 16.85 28.23
CA LEU C 47 -8.10 16.97 29.39
C LEU C 47 -8.60 16.08 30.52
N THR C 48 -9.86 16.27 30.91
CA THR C 48 -10.50 15.45 31.94
C THR C 48 -11.57 14.60 31.27
N PRO C 49 -11.30 13.33 30.97
CA PRO C 49 -12.27 12.52 30.22
C PRO C 49 -13.59 12.40 30.96
N VAL C 50 -14.69 12.46 30.20
CA VAL C 50 -16.03 12.29 30.76
C VAL C 50 -16.31 10.80 30.84
N PRO C 51 -17.24 10.36 31.68
CA PRO C 51 -17.60 8.94 31.69
C PRO C 51 -18.21 8.52 30.36
N ALA C 52 -18.08 7.22 30.07
CA ALA C 52 -18.56 6.70 28.79
C ALA C 52 -20.05 6.95 28.60
N SER C 53 -20.78 7.17 29.69
CA SER C 53 -22.20 7.52 29.57
C SER C 53 -22.38 8.84 28.83
N GLU C 54 -21.44 9.76 29.01
CA GLU C 54 -21.54 11.10 28.42
C GLU C 54 -20.82 11.22 27.08
N ASN C 55 -20.10 10.20 26.66
CA ASN C 55 -19.30 10.27 25.44
C ASN C 55 -20.15 9.86 24.24
N PRO C 56 -20.44 10.76 23.30
CA PRO C 56 -21.25 10.37 22.14
C PRO C 56 -20.52 9.42 21.20
N PHE C 57 -19.21 9.25 21.39
CA PHE C 57 -18.41 8.33 20.61
C PHE C 57 -18.03 7.08 21.41
N ARG C 58 -18.83 6.72 22.41
CA ARG C 58 -18.57 5.58 23.26
C ARG C 58 -18.48 4.28 22.45
N GLN D 1 14.09 35.56 12.85
CA GLN D 1 13.82 35.98 11.49
C GLN D 1 14.94 35.57 10.55
N VAL D 2 14.58 34.96 9.43
CA VAL D 2 15.57 34.46 8.48
C VAL D 2 16.24 35.63 7.78
N GLN D 3 17.57 35.65 7.81
CA GLN D 3 18.33 36.77 7.28
C GLN D 3 19.60 36.26 6.61
N LEU D 4 19.79 36.64 5.36
CA LEU D 4 21.01 36.33 4.62
C LEU D 4 21.60 37.62 4.09
N GLN D 5 22.88 37.86 4.39
CA GLN D 5 23.53 39.12 4.07
C GLN D 5 24.81 38.85 3.30
N GLU D 6 24.83 39.20 2.02
CA GLU D 6 25.97 38.97 1.16
C GLU D 6 26.93 40.15 1.20
N SER D 7 28.21 39.84 1.03
CA SER D 7 29.25 40.85 1.01
C SER D 7 30.43 40.30 0.23
N GLY D 8 31.34 41.21 -0.14
CA GLY D 8 32.54 40.85 -0.86
C GLY D 8 32.52 41.10 -2.34
N GLY D 9 31.45 41.69 -2.87
CA GLY D 9 31.39 42.02 -4.26
C GLY D 9 32.16 43.28 -4.59
N GLY D 10 32.15 43.65 -5.85
CA GLY D 10 32.80 44.88 -6.27
C GLY D 10 33.33 44.77 -7.69
N LEU D 11 34.09 45.78 -8.07
CA LEU D 11 34.67 45.86 -9.40
C LEU D 11 36.01 45.16 -9.44
N VAL D 12 36.25 44.39 -10.49
CA VAL D 12 37.45 43.58 -10.61
C VAL D 12 37.83 43.51 -12.09
N GLN D 13 39.13 43.44 -12.35
CA GLN D 13 39.61 43.29 -13.70
C GLN D 13 39.28 41.88 -14.22
N PRO D 14 39.02 41.74 -15.52
CA PRO D 14 38.87 40.41 -16.09
C PRO D 14 40.12 39.58 -15.85
N GLY D 15 39.92 38.32 -15.50
CA GLY D 15 41.00 37.47 -15.03
C GLY D 15 41.31 37.60 -13.56
N GLY D 16 40.65 38.53 -12.85
CA GLY D 16 40.91 38.73 -11.45
C GLY D 16 40.21 37.71 -10.58
N SER D 17 40.26 37.96 -9.28
CA SER D 17 39.68 37.06 -8.29
C SER D 17 38.81 37.86 -7.33
N LEU D 18 37.91 37.14 -6.66
CA LEU D 18 36.95 37.78 -5.77
C LEU D 18 36.36 36.71 -4.87
N ARG D 19 36.10 37.08 -3.61
CA ARG D 19 35.56 36.16 -2.63
C ARG D 19 34.31 36.77 -2.01
N LEU D 20 33.18 36.08 -2.15
CA LEU D 20 31.91 36.53 -1.59
C LEU D 20 31.61 35.76 -0.32
N SER D 21 31.05 36.46 0.67
CA SER D 21 30.62 35.86 1.91
C SER D 21 29.12 36.08 2.08
N CYS D 22 28.50 35.18 2.84
CA CYS D 22 27.08 35.26 3.16
C CYS D 22 26.94 34.98 4.65
N ALA D 23 26.56 36.00 5.41
CA ALA D 23 26.31 35.84 6.84
C ALA D 23 24.87 35.40 7.05
N ALA D 24 24.68 34.19 7.53
CA ALA D 24 23.35 33.64 7.78
C ALA D 24 22.93 33.92 9.21
N SER D 25 21.62 34.14 9.39
CA SER D 25 21.08 34.48 10.69
C SER D 25 19.61 34.09 10.72
N GLY D 26 19.16 33.58 11.85
CA GLY D 26 17.77 33.26 12.03
C GLY D 26 17.36 31.85 11.70
N PHE D 27 18.32 30.94 11.54
CA PHE D 27 17.99 29.53 11.32
C PHE D 27 19.22 28.70 11.66
N THR D 28 18.99 27.41 11.85
CA THR D 28 20.09 26.47 12.06
C THR D 28 20.81 26.27 10.74
N PHE D 29 21.96 26.93 10.59
CA PHE D 29 22.65 26.97 9.30
C PHE D 29 23.03 25.58 8.81
N SER D 30 23.37 24.67 9.72
CA SER D 30 23.87 23.37 9.33
C SER D 30 22.78 22.40 8.91
N ASN D 31 21.51 22.73 9.13
CA ASN D 31 20.40 21.88 8.71
C ASN D 31 20.01 22.10 7.25
N TYR D 32 20.59 23.08 6.58
CA TYR D 32 20.09 23.54 5.29
C TYR D 32 21.17 23.44 4.23
N LYS D 33 20.78 22.97 3.06
CA LYS D 33 21.61 23.08 1.87
C LYS D 33 21.58 24.52 1.37
N MET D 34 22.72 25.02 0.94
CA MET D 34 22.86 26.43 0.57
C MET D 34 23.25 26.56 -0.90
N ASN D 35 22.78 27.63 -1.53
CA ASN D 35 23.01 27.87 -2.94
C ASN D 35 23.55 29.27 -3.16
N TRP D 36 24.28 29.44 -4.25
CA TRP D 36 24.57 30.74 -4.82
C TRP D 36 23.80 30.89 -6.12
N VAL D 37 23.18 32.04 -6.30
CA VAL D 37 22.35 32.33 -7.47
C VAL D 37 22.74 33.71 -7.97
N ARG D 38 22.69 33.91 -9.28
CA ARG D 38 23.05 35.21 -9.84
C ARG D 38 22.01 35.67 -10.85
N GLN D 39 21.95 36.98 -11.04
CA GLN D 39 21.08 37.60 -12.02
C GLN D 39 21.91 38.57 -12.85
N ALA D 40 22.22 38.18 -14.08
CA ALA D 40 22.97 39.06 -14.97
C ALA D 40 22.08 40.21 -15.43
N PRO D 41 22.66 41.34 -15.84
CA PRO D 41 21.87 42.48 -16.29
C PRO D 41 21.03 42.12 -17.51
N GLY D 42 19.70 42.19 -17.35
CA GLY D 42 18.76 41.89 -18.39
C GLY D 42 18.22 40.48 -18.36
N LYS D 43 18.90 39.56 -17.69
CA LYS D 43 18.51 38.16 -17.64
C LYS D 43 17.75 37.87 -16.35
N GLY D 44 17.21 36.65 -16.28
CA GLY D 44 16.56 36.17 -15.09
C GLY D 44 17.54 35.53 -14.12
N LEU D 45 17.01 35.13 -12.97
CA LEU D 45 17.83 34.47 -11.97
C LEU D 45 18.30 33.11 -12.45
N GLU D 46 19.58 32.83 -12.24
CA GLU D 46 20.20 31.61 -12.72
C GLU D 46 21.00 30.98 -11.60
N TRP D 47 20.92 29.66 -11.48
CA TRP D 47 21.61 28.95 -10.41
C TRP D 47 23.09 28.83 -10.73
N VAL D 48 23.93 29.03 -9.73
CA VAL D 48 25.38 29.01 -9.88
C VAL D 48 25.99 27.77 -9.23
N SER D 49 25.75 27.58 -7.94
CA SER D 49 26.43 26.53 -7.19
C SER D 49 25.62 26.23 -5.94
N ASP D 50 25.82 25.03 -5.42
CA ASP D 50 25.13 24.61 -4.17
C ASP D 50 26.09 23.75 -3.35
N ILE D 51 25.82 23.64 -2.05
CA ILE D 51 26.60 22.83 -1.14
C ILE D 51 25.65 22.18 -0.14
N SER D 52 25.90 20.91 0.17
CA SER D 52 25.01 20.18 1.05
C SER D 52 25.24 20.62 2.50
N GLN D 53 24.46 20.02 3.40
CA GLN D 53 24.46 20.43 4.81
C GLN D 53 25.83 20.26 5.45
N SER D 54 26.47 19.13 5.19
CA SER D 54 27.79 18.88 5.77
C SER D 54 28.88 19.66 5.04
N GLY D 55 28.77 19.77 3.73
CA GLY D 55 29.81 20.34 2.90
C GLY D 55 30.46 19.36 1.95
N ALA D 56 29.93 18.14 1.86
CA ALA D 56 30.57 17.11 1.05
C ALA D 56 30.07 17.15 -0.39
N SER D 57 28.76 17.20 -0.59
CA SER D 57 28.17 17.22 -1.92
C SER D 57 28.15 18.65 -2.45
N ILE D 58 28.89 18.88 -3.51
CA ILE D 58 29.06 20.22 -4.09
C ILE D 58 28.81 20.11 -5.58
N SER D 59 28.09 21.09 -6.14
CA SER D 59 27.84 21.12 -7.58
C SER D 59 27.92 22.55 -8.09
N TYR D 60 28.17 22.68 -9.39
CA TYR D 60 28.34 23.97 -10.04
C TYR D 60 27.58 23.96 -11.35
N THR D 61 27.22 25.15 -11.81
CA THR D 61 26.77 25.27 -13.18
C THR D 61 27.99 25.13 -14.11
N GLY D 62 27.72 24.67 -15.32
CA GLY D 62 28.81 24.25 -16.20
C GLY D 62 29.82 25.34 -16.50
N SER D 63 29.36 26.57 -16.68
CA SER D 63 30.23 27.65 -17.12
C SER D 63 31.13 28.20 -16.02
N VAL D 64 31.09 27.63 -14.81
CA VAL D 64 31.91 28.09 -13.71
C VAL D 64 32.72 26.98 -13.06
N LYS D 65 32.58 25.73 -13.52
CA LYS D 65 33.42 24.66 -12.98
C LYS D 65 34.89 24.97 -13.22
N GLY D 66 35.71 24.70 -12.21
CA GLY D 66 37.12 24.99 -12.27
C GLY D 66 37.50 26.39 -11.84
N ARG D 67 36.60 27.36 -11.99
CA ARG D 67 36.88 28.75 -11.65
C ARG D 67 36.30 29.16 -10.31
N PHE D 68 35.07 28.77 -10.01
CA PHE D 68 34.42 29.11 -8.76
C PHE D 68 34.54 27.91 -7.81
N THR D 69 34.65 28.22 -6.52
CA THR D 69 34.58 27.18 -5.50
C THR D 69 33.72 27.67 -4.34
N ILE D 70 32.80 26.83 -3.89
CA ILE D 70 31.87 27.16 -2.83
C ILE D 70 32.29 26.45 -1.56
N SER D 71 32.16 27.13 -0.43
CA SER D 71 32.45 26.52 0.85
C SER D 71 31.54 27.12 1.90
N ARG D 72 31.18 26.32 2.89
CA ARG D 72 30.43 26.76 4.04
C ARG D 72 31.24 26.47 5.29
N ASP D 73 31.12 27.35 6.28
CA ASP D 73 31.73 27.16 7.58
C ASP D 73 30.61 27.15 8.60
N ASN D 74 30.17 25.95 8.98
CA ASN D 74 28.97 25.81 9.81
C ASN D 74 29.14 26.40 11.19
N ALA D 75 30.38 26.56 11.66
CA ALA D 75 30.60 27.16 12.98
C ALA D 75 30.31 28.66 12.97
N LYS D 76 30.68 29.36 11.91
CA LYS D 76 30.47 30.79 11.80
C LYS D 76 29.21 31.16 11.05
N ASN D 77 28.41 30.17 10.64
CA ASN D 77 27.16 30.40 9.92
C ASN D 77 27.39 31.25 8.66
N THR D 78 28.42 30.90 7.90
CA THR D 78 28.83 31.69 6.75
C THR D 78 28.96 30.79 5.53
N LEU D 79 28.51 31.28 4.39
CA LEU D 79 28.68 30.63 3.10
C LEU D 79 29.63 31.46 2.26
N TYR D 80 30.54 30.78 1.56
CA TYR D 80 31.57 31.45 0.78
C TYR D 80 31.47 31.06 -0.68
N LEU D 81 31.81 32.01 -1.55
CA LEU D 81 32.04 31.74 -2.97
C LEU D 81 33.36 32.39 -3.34
N GLN D 82 34.34 31.57 -3.70
CA GLN D 82 35.63 32.07 -4.16
C GLN D 82 35.64 32.01 -5.68
N MET D 83 35.79 33.17 -6.31
CA MET D 83 35.69 33.30 -7.76
C MET D 83 37.07 33.62 -8.31
N ASN D 84 37.58 32.75 -9.18
CA ASN D 84 38.87 32.95 -9.82
C ASN D 84 38.68 33.00 -11.33
N SER D 85 39.63 33.67 -12.00
CA SER D 85 39.64 33.79 -13.47
C SER D 85 38.31 34.33 -13.97
N LEU D 86 37.90 35.47 -13.41
CA LEU D 86 36.60 36.04 -13.70
C LEU D 86 36.55 36.56 -15.13
N LYS D 87 35.43 36.33 -15.79
CA LYS D 87 35.17 36.71 -17.17
C LYS D 87 34.15 37.84 -17.22
N PRO D 88 34.16 38.63 -18.29
CA PRO D 88 33.20 39.74 -18.38
C PRO D 88 31.74 39.31 -18.34
N GLU D 89 31.43 38.06 -18.65
CA GLU D 89 30.07 37.56 -18.57
C GLU D 89 29.72 37.03 -17.18
N ASP D 90 30.61 37.16 -16.21
CA ASP D 90 30.31 36.87 -14.82
C ASP D 90 29.75 38.09 -14.08
N THR D 91 29.58 39.20 -14.78
CA THR D 91 28.97 40.40 -14.20
C THR D 91 27.52 40.11 -13.86
N ALA D 92 27.17 40.16 -12.58
CA ALA D 92 25.83 39.84 -12.14
C ALA D 92 25.68 40.30 -10.69
N VAL D 93 24.43 40.29 -10.22
CA VAL D 93 24.15 40.40 -8.80
C VAL D 93 24.10 38.97 -8.25
N TYR D 94 24.87 38.70 -7.22
CA TYR D 94 25.01 37.35 -6.68
C TYR D 94 24.23 37.24 -5.38
N TYR D 95 23.36 36.24 -5.31
CA TYR D 95 22.47 36.03 -4.18
C TYR D 95 22.83 34.76 -3.44
N CYS D 96 22.71 34.81 -2.12
CA CYS D 96 22.87 33.65 -1.26
C CYS D 96 21.48 33.14 -0.94
N ALA D 97 21.14 31.96 -1.45
CA ALA D 97 19.80 31.41 -1.34
C ALA D 97 19.82 30.14 -0.50
N ARG D 98 18.99 30.11 0.53
CA ARG D 98 18.83 28.94 1.37
C ARG D 98 17.74 28.04 0.80
N CYS D 99 17.93 26.73 0.93
CA CYS D 99 16.89 25.81 0.53
C CYS D 99 15.68 25.95 1.45
N PRO D 100 14.47 25.69 0.94
CA PRO D 100 13.27 25.99 1.73
C PRO D 100 13.16 25.22 3.04
N ALA D 101 13.42 23.92 3.02
CA ALA D 101 13.17 23.11 4.19
C ALA D 101 14.44 22.39 4.62
N PRO D 102 14.58 22.11 5.92
CA PRO D 102 15.78 21.41 6.38
C PRO D 102 15.73 19.92 6.10
N PHE D 103 16.92 19.31 6.09
CA PHE D 103 17.10 17.87 5.97
C PHE D 103 16.53 17.31 4.67
N THR D 104 16.49 18.11 3.61
CA THR D 104 15.91 17.66 2.35
C THR D 104 16.98 17.52 1.28
N ARG D 105 16.69 16.65 0.31
CA ARG D 105 17.52 16.50 -0.87
C ARG D 105 17.14 17.49 -1.96
N ASP D 106 15.85 17.65 -2.21
CA ASP D 106 15.37 18.60 -3.20
C ASP D 106 15.56 20.03 -2.70
N CYS D 107 15.63 20.97 -3.65
CA CYS D 107 15.74 22.37 -3.30
C CYS D 107 14.91 23.15 -4.32
N PHE D 108 13.64 23.36 -4.00
CA PHE D 108 12.72 24.04 -4.90
C PHE D 108 12.85 25.55 -4.78
N ASP D 109 12.68 26.23 -5.92
CA ASP D 109 12.27 27.64 -5.98
C ASP D 109 13.36 28.63 -5.61
N VAL D 110 14.63 28.23 -5.53
CA VAL D 110 15.64 29.20 -5.12
C VAL D 110 15.96 30.20 -6.21
N THR D 111 15.57 29.94 -7.45
CA THR D 111 15.72 30.90 -8.54
C THR D 111 14.40 31.56 -8.92
N SER D 112 13.38 31.44 -8.07
CA SER D 112 12.11 32.12 -8.30
C SER D 112 12.27 33.63 -8.10
N THR D 113 11.35 34.37 -8.70
CA THR D 113 11.44 35.83 -8.71
C THR D 113 11.33 36.40 -7.30
N THR D 114 10.48 35.83 -6.46
CA THR D 114 10.18 36.36 -5.15
C THR D 114 10.42 35.33 -4.05
N TYR D 115 11.52 34.59 -4.16
CA TYR D 115 11.87 33.61 -3.15
C TYR D 115 12.26 34.32 -1.85
N ALA D 116 11.79 33.77 -0.73
CA ALA D 116 11.89 34.46 0.55
C ALA D 116 13.23 34.24 1.25
N TYR D 117 13.82 33.05 1.15
CA TYR D 117 15.04 32.74 1.88
C TYR D 117 16.27 33.02 1.02
N ARG D 118 16.30 34.23 0.48
CA ARG D 118 17.35 34.71 -0.39
C ARG D 118 17.70 36.12 0.03
N GLY D 119 18.98 36.45 0.00
CA GLY D 119 19.43 37.77 0.43
C GLY D 119 19.15 38.83 -0.60
N GLN D 120 19.57 40.05 -0.27
CA GLN D 120 19.43 41.17 -1.19
C GLN D 120 20.46 41.15 -2.31
N GLY D 121 21.53 40.38 -2.15
CA GLY D 121 22.50 40.21 -3.21
C GLY D 121 23.64 41.21 -3.12
N THR D 122 24.73 40.88 -3.79
CA THR D 122 25.88 41.77 -3.90
C THR D 122 26.31 41.83 -5.36
N GLN D 123 26.65 43.03 -5.81
CA GLN D 123 26.98 43.27 -7.21
C GLN D 123 28.43 42.89 -7.48
N VAL D 124 28.64 42.09 -8.52
CA VAL D 124 29.97 41.75 -9.02
C VAL D 124 30.07 42.29 -10.44
N THR D 125 31.08 43.10 -10.70
CA THR D 125 31.27 43.71 -12.02
C THR D 125 32.65 43.34 -12.53
N VAL D 126 32.70 42.87 -13.78
CA VAL D 126 33.96 42.47 -14.36
C VAL D 126 34.22 43.23 -15.66
N HIS E 1 -4.93 -36.81 -9.86
CA HIS E 1 -4.04 -36.09 -8.96
C HIS E 1 -3.33 -37.04 -8.02
N GLU E 3 -2.89 -37.32 -4.64
CA GLU E 3 -3.63 -37.80 -3.44
C GLU E 3 -4.50 -39.00 -3.81
N GLY E 4 -5.39 -38.84 -4.80
CA GLY E 4 -6.26 -39.94 -5.27
C GLY E 4 -5.45 -41.18 -5.62
N THR E 5 -4.40 -41.01 -6.44
CA THR E 5 -3.59 -42.14 -6.88
C THR E 5 -2.97 -42.86 -5.69
N PHE E 6 -2.39 -42.11 -4.74
CA PHE E 6 -1.82 -42.74 -3.56
C PHE E 6 -2.89 -43.44 -2.74
N THR E 7 -4.06 -42.82 -2.60
CA THR E 7 -5.14 -43.43 -1.84
C THR E 7 -5.61 -44.72 -2.49
N SER E 8 -5.71 -44.74 -3.81
CA SER E 8 -6.11 -45.96 -4.51
C SER E 8 -5.06 -47.05 -4.37
N ASP E 9 -3.79 -46.69 -4.27
CA ASP E 9 -2.72 -47.70 -4.13
C ASP E 9 -2.75 -48.33 -2.73
N VAL E 10 -2.86 -47.48 -1.70
CA VAL E 10 -2.99 -47.98 -0.29
C VAL E 10 -4.31 -48.72 -0.15
N SER E 11 -5.40 -48.18 -0.72
CA SER E 11 -6.72 -48.85 -0.66
C SER E 11 -6.60 -50.24 -1.28
N SER E 12 -6.11 -50.34 -2.51
CA SER E 12 -5.95 -51.66 -3.16
C SER E 12 -5.05 -52.55 -2.30
N TYR E 13 -3.96 -52.03 -1.76
CA TYR E 13 -3.04 -52.90 -0.99
C TYR E 13 -3.82 -53.40 0.23
N LEU E 14 -4.53 -52.50 0.90
CA LEU E 14 -5.23 -52.88 2.14
C LEU E 14 -6.30 -53.91 1.81
N GLU E 15 -7.05 -53.71 0.73
CA GLU E 15 -8.14 -54.66 0.38
C GLU E 15 -7.54 -56.05 0.15
N GLY E 16 -6.44 -56.12 -0.61
CA GLY E 16 -5.80 -57.42 -0.90
C GLY E 16 -5.28 -58.08 0.36
N GLN E 17 -4.66 -57.30 1.26
CA GLN E 17 -4.17 -57.86 2.55
C GLN E 17 -5.36 -58.36 3.36
N ALA E 18 -6.45 -57.60 3.39
CA ALA E 18 -7.65 -58.01 4.15
C ALA E 18 -8.17 -59.33 3.57
N ALA E 19 -8.37 -59.38 2.25
CA ALA E 19 -8.88 -60.59 1.58
C ALA E 19 -7.92 -61.77 1.77
N LYS E 20 -6.71 -61.50 2.25
CA LYS E 20 -5.71 -62.51 2.36
C LYS E 20 -5.41 -62.63 3.82
N GLU E 21 -6.38 -62.20 4.63
CA GLU E 21 -6.35 -62.52 6.07
C GLU E 21 -7.73 -63.01 6.48
N PHE E 22 -8.70 -62.86 5.58
CA PHE E 22 -9.94 -63.65 5.73
C PHE E 22 -9.63 -65.13 5.50
N ILE E 23 -8.94 -65.43 4.38
CA ILE E 23 -8.56 -66.84 4.05
C ILE E 23 -7.74 -67.40 5.20
N ALA E 24 -6.86 -66.61 5.79
CA ALA E 24 -5.96 -67.14 6.84
C ALA E 24 -6.79 -67.52 8.06
N TRP E 25 -7.69 -66.66 8.49
CA TRP E 25 -8.67 -66.99 9.55
C TRP E 25 -9.31 -68.32 9.23
N LEU E 26 -9.75 -68.53 7.99
CA LEU E 26 -10.49 -69.78 7.69
C LEU E 26 -9.57 -70.96 7.97
N VAL E 27 -8.30 -70.87 7.55
CA VAL E 27 -7.34 -71.98 7.74
C VAL E 27 -7.10 -72.19 9.23
N ARG E 28 -7.35 -71.16 10.04
CA ARG E 28 -7.14 -71.25 11.51
C ARG E 28 -8.41 -71.78 12.16
N GLY E 29 -9.35 -72.27 11.34
CA GLY E 29 -10.58 -72.85 11.90
C GLY E 29 -11.63 -71.81 12.16
N ARG E 30 -11.39 -70.56 11.75
CA ARG E 30 -12.43 -69.52 11.87
C ARG E 30 -12.74 -69.27 13.34
N THR F 38 -8.04 -56.46 -9.15
CA THR F 38 -9.33 -55.95 -8.67
C THR F 38 -10.03 -56.96 -7.76
N VAL F 39 -9.25 -57.57 -6.88
CA VAL F 39 -9.74 -58.49 -5.86
C VAL F 39 -10.67 -57.75 -4.91
N SER F 40 -11.45 -58.47 -4.11
CA SER F 40 -12.31 -57.81 -3.14
C SER F 40 -12.54 -58.72 -1.96
N LEU F 41 -12.54 -58.16 -0.76
CA LEU F 41 -12.97 -58.94 0.39
C LEU F 41 -14.44 -59.31 0.28
N TRP F 42 -15.28 -58.35 -0.10
CA TRP F 42 -16.71 -58.60 -0.09
C TRP F 42 -17.09 -59.70 -1.06
N GLU F 43 -16.52 -59.68 -2.26
CA GLU F 43 -16.82 -60.75 -3.20
C GLU F 43 -16.26 -62.08 -2.71
N THR F 44 -15.12 -62.05 -2.02
CA THR F 44 -14.54 -63.29 -1.50
C THR F 44 -15.44 -63.93 -0.47
N VAL F 45 -15.97 -63.14 0.47
CA VAL F 45 -16.82 -63.71 1.52
C VAL F 45 -18.11 -64.24 0.92
N GLN F 46 -18.68 -63.51 -0.04
CA GLN F 46 -19.87 -64.03 -0.71
C GLN F 46 -19.59 -65.38 -1.34
N LYS F 47 -18.49 -65.48 -2.08
CA LYS F 47 -18.19 -66.74 -2.74
C LYS F 47 -18.01 -67.84 -1.73
N TRP F 48 -17.48 -67.51 -0.54
CA TRP F 48 -17.30 -68.52 0.48
C TRP F 48 -18.63 -69.10 0.91
N ARG F 49 -19.63 -68.25 1.14
CA ARG F 49 -20.93 -68.75 1.53
C ARG F 49 -21.55 -69.59 0.42
N GLU F 50 -21.41 -69.16 -0.82
CA GLU F 50 -21.89 -69.96 -1.93
C GLU F 50 -21.15 -71.30 -2.00
N TYR F 51 -19.82 -71.27 -1.80
CA TYR F 51 -19.10 -72.52 -1.63
C TYR F 51 -19.50 -73.21 -0.35
N ARG F 52 -19.77 -72.44 0.70
CA ARG F 52 -20.36 -73.05 1.93
C ARG F 52 -21.61 -73.82 1.49
N ARG F 53 -22.52 -73.15 0.76
CA ARG F 53 -23.80 -73.75 0.41
C ARG F 53 -23.60 -75.04 -0.37
N GLN F 54 -22.82 -74.97 -1.44
CA GLN F 54 -22.79 -76.07 -2.40
C GLN F 54 -22.39 -77.37 -1.72
N CYS F 55 -21.32 -77.34 -0.94
CA CYS F 55 -20.90 -78.56 -0.26
C CYS F 55 -21.77 -78.85 0.95
N GLN F 56 -22.16 -77.81 1.70
CA GLN F 56 -23.10 -78.01 2.81
C GLN F 56 -24.36 -78.71 2.34
N ARG F 57 -24.83 -78.37 1.13
CA ARG F 57 -25.91 -79.15 0.55
C ARG F 57 -25.47 -80.59 0.34
N SER F 58 -24.28 -80.79 -0.18
CA SER F 58 -23.85 -82.14 -0.52
C SER F 58 -23.82 -83.03 0.71
N LEU F 59 -23.24 -82.54 1.81
CA LEU F 59 -23.02 -83.38 2.98
C LEU F 59 -24.33 -83.93 3.53
N THR F 60 -25.46 -83.29 3.21
CA THR F 60 -26.74 -83.88 3.58
C THR F 60 -27.20 -84.89 2.54
N GLU F 61 -27.10 -84.56 1.30
CA GLU F 61 -27.67 -85.36 0.18
C GLU F 61 -26.70 -86.46 -0.24
N ASP F 62 -25.48 -86.44 0.29
CA ASP F 62 -24.35 -87.24 -0.24
C ASP F 62 -24.73 -88.73 -0.17
N PRO F 63 -24.60 -89.49 -1.28
CA PRO F 63 -24.88 -90.93 -1.23
C PRO F 63 -23.86 -91.58 -0.28
N PRO F 64 -24.28 -92.53 0.58
CA PRO F 64 -23.37 -93.13 1.55
C PRO F 64 -22.27 -93.93 0.85
N PRO F 65 -21.03 -93.98 1.39
CA PRO F 65 -19.96 -94.79 0.80
C PRO F 65 -20.44 -96.25 0.83
N ALA F 66 -21.13 -96.64 1.90
CA ALA F 66 -21.69 -98.01 1.99
C ALA F 66 -20.57 -99.04 2.05
N THR F 67 -19.31 -98.60 1.96
CA THR F 67 -18.21 -99.44 2.37
C THR F 67 -17.89 -99.16 3.83
N ASP F 68 -17.74 -100.21 4.62
CA ASP F 68 -17.39 -100.04 6.02
C ASP F 68 -15.95 -99.56 6.13
N LEU F 69 -15.60 -99.05 7.32
CA LEU F 69 -14.36 -98.33 7.61
C LEU F 69 -14.33 -96.99 6.90
N PHE F 70 -15.48 -96.47 6.48
CA PHE F 70 -15.49 -95.19 5.80
C PHE F 70 -15.22 -94.06 6.77
N CYS F 71 -14.74 -92.94 6.20
CA CYS F 71 -14.34 -91.70 6.92
C CYS F 71 -15.45 -90.64 6.80
N ASN F 72 -16.05 -90.22 7.92
CA ASN F 72 -17.16 -89.29 7.86
C ASN F 72 -16.79 -88.01 7.12
N ARG F 73 -17.65 -87.61 6.20
CA ARG F 73 -17.46 -86.39 5.42
C ARG F 73 -17.67 -85.19 6.34
N THR F 74 -17.10 -84.06 5.96
CA THR F 74 -17.27 -82.84 6.74
C THR F 74 -16.90 -81.63 5.91
N PHE F 75 -17.17 -80.47 6.48
CA PHE F 75 -16.74 -79.18 5.96
C PHE F 75 -16.03 -78.45 7.08
N ASP F 76 -14.75 -78.16 6.87
CA ASP F 76 -13.91 -77.53 7.89
C ASP F 76 -13.68 -76.05 7.62
N GLU F 77 -14.71 -75.36 7.15
CA GLU F 77 -14.64 -73.88 6.96
C GLU F 77 -13.60 -73.51 5.90
N TYR F 78 -12.94 -74.50 5.27
CA TYR F 78 -12.02 -74.24 4.18
C TYR F 78 -12.19 -75.18 3.01
N ALA F 79 -12.62 -76.42 3.25
CA ALA F 79 -12.78 -77.39 2.14
C ALA F 79 -13.90 -78.38 2.44
N CYS F 80 -14.57 -78.86 1.40
CA CYS F 80 -15.59 -79.92 1.64
C CYS F 80 -14.94 -81.26 1.29
N TRP F 81 -14.77 -82.12 2.30
CA TRP F 81 -14.03 -83.40 2.15
C TRP F 81 -15.02 -84.57 1.97
N PRO F 82 -15.00 -85.28 0.83
CA PRO F 82 -15.87 -86.45 0.62
C PRO F 82 -15.41 -87.67 1.43
N ASP F 83 -16.34 -88.59 1.76
CA ASP F 83 -15.98 -89.83 2.48
C ASP F 83 -14.88 -90.55 1.70
N GLY F 84 -13.82 -90.98 2.39
CA GLY F 84 -12.67 -91.58 1.75
C GLY F 84 -12.50 -93.03 2.19
N GLU F 85 -11.87 -93.80 1.30
CA GLU F 85 -11.64 -95.21 1.58
C GLU F 85 -10.56 -95.36 2.65
N PRO F 86 -10.70 -96.34 3.54
CA PRO F 86 -9.77 -96.46 4.67
C PRO F 86 -8.34 -96.65 4.20
N GLY F 87 -7.42 -95.96 4.88
CA GLY F 87 -6.01 -96.11 4.67
C GLY F 87 -5.42 -95.35 3.50
N SER F 88 -6.23 -94.66 2.71
CA SER F 88 -5.77 -94.00 1.51
C SER F 88 -6.09 -92.52 1.58
N PHE F 89 -5.33 -91.72 0.83
CA PHE F 89 -5.47 -90.27 0.91
C PHE F 89 -6.57 -89.78 -0.01
N VAL F 90 -7.06 -88.57 0.28
CA VAL F 90 -8.17 -87.96 -0.43
C VAL F 90 -7.66 -86.73 -1.14
N ASN F 91 -7.91 -86.66 -2.44
CA ASN F 91 -7.47 -85.54 -3.27
C ASN F 91 -8.69 -84.69 -3.60
N VAL F 92 -8.69 -83.43 -3.19
CA VAL F 92 -9.85 -82.56 -3.31
C VAL F 92 -9.49 -81.32 -4.12
N SER F 93 -10.42 -80.85 -4.93
CA SER F 93 -10.21 -79.67 -5.75
C SER F 93 -9.84 -78.48 -4.88
N CYS F 94 -8.92 -77.68 -5.37
CA CYS F 94 -8.48 -76.53 -4.61
C CYS F 94 -9.56 -75.45 -4.68
N PRO F 95 -9.98 -74.88 -3.55
CA PRO F 95 -11.29 -74.22 -3.48
C PRO F 95 -11.41 -73.02 -4.42
N TRP F 96 -12.48 -73.00 -5.20
CA TRP F 96 -12.60 -71.98 -6.24
C TRP F 96 -12.93 -70.61 -5.67
N TYR F 97 -13.25 -70.57 -4.37
CA TYR F 97 -13.60 -69.30 -3.70
C TYR F 97 -12.32 -68.56 -3.27
N LEU F 98 -11.16 -69.21 -3.40
CA LEU F 98 -9.89 -68.60 -2.96
C LEU F 98 -9.63 -67.35 -3.80
N PRO F 99 -9.15 -66.23 -3.21
CA PRO F 99 -8.95 -65.00 -3.96
C PRO F 99 -7.91 -65.22 -5.07
N TRP F 100 -6.87 -65.99 -4.79
CA TRP F 100 -5.78 -66.23 -5.77
C TRP F 100 -6.04 -67.54 -6.52
N ALA F 101 -7.29 -67.99 -6.59
CA ALA F 101 -7.53 -69.37 -7.09
C ALA F 101 -7.41 -69.39 -8.62
N SER F 102 -7.51 -68.23 -9.25
CA SER F 102 -7.33 -68.14 -10.71
C SER F 102 -5.90 -68.57 -11.02
N SER F 103 -4.95 -68.13 -10.20
CA SER F 103 -3.53 -68.53 -10.37
C SER F 103 -3.45 -70.01 -10.75
N VAL F 104 -4.10 -70.89 -9.98
CA VAL F 104 -3.87 -72.31 -10.21
C VAL F 104 -5.19 -73.06 -10.29
N PRO F 105 -5.69 -73.29 -11.50
CA PRO F 105 -6.88 -74.14 -11.65
C PRO F 105 -6.66 -75.56 -11.16
N GLN F 106 -5.44 -76.07 -11.32
CA GLN F 106 -5.15 -77.49 -11.01
C GLN F 106 -4.37 -77.60 -9.70
N GLY F 107 -5.05 -77.45 -8.56
CA GLY F 107 -4.45 -77.72 -7.27
C GLY F 107 -5.30 -78.70 -6.51
N HIS F 108 -4.78 -79.14 -5.37
CA HIS F 108 -5.43 -80.19 -4.60
C HIS F 108 -5.09 -80.05 -3.13
N VAL F 109 -6.04 -80.39 -2.25
CA VAL F 109 -5.77 -80.51 -0.82
C VAL F 109 -5.95 -81.97 -0.42
N TYR F 110 -5.19 -82.40 0.59
CA TYR F 110 -5.11 -83.82 0.91
C TYR F 110 -5.34 -84.10 2.38
N ARG F 111 -5.95 -85.25 2.63
CA ARG F 111 -6.03 -85.85 3.98
C ARG F 111 -6.02 -87.37 3.84
N PHE F 112 -5.92 -88.11 4.95
CA PHE F 112 -5.82 -89.60 4.83
C PHE F 112 -6.83 -90.31 5.72
N CYS F 113 -7.59 -91.26 5.16
CA CYS F 113 -8.52 -92.09 5.98
C CYS F 113 -7.70 -92.96 6.95
N THR F 114 -6.54 -93.46 6.52
CA THR F 114 -5.61 -94.21 7.42
C THR F 114 -6.26 -95.40 8.14
N ALA F 115 -7.48 -95.78 7.77
CA ALA F 115 -7.97 -97.16 7.90
C ALA F 115 -8.41 -97.52 9.32
N GLU F 116 -8.48 -96.52 10.20
CA GLU F 116 -9.06 -96.71 11.55
C GLU F 116 -10.37 -95.93 11.63
N GLY F 117 -10.76 -95.27 10.54
CA GLY F 117 -11.99 -94.44 10.54
C GLY F 117 -11.73 -93.06 11.10
N LEU F 118 -10.47 -92.77 11.46
CA LEU F 118 -10.10 -91.43 11.97
C LEU F 118 -9.25 -90.72 10.92
N TRP F 119 -8.57 -89.62 11.31
CA TRP F 119 -7.55 -89.01 10.42
C TRP F 119 -6.27 -88.80 11.24
N LEU F 120 -5.18 -88.44 10.58
CA LEU F 120 -3.84 -88.28 11.22
C LEU F 120 -3.84 -87.08 12.16
N GLN F 121 -3.28 -87.24 13.37
CA GLN F 121 -3.17 -86.10 14.32
C GLN F 121 -1.80 -86.17 15.02
N LYS F 122 -1.30 -85.05 15.56
CA LYS F 122 0.05 -85.03 16.18
C LYS F 122 0.01 -84.28 17.53
N ASP F 123 1.00 -84.50 18.38
CA ASP F 123 1.07 -83.77 19.69
C ASP F 123 1.27 -82.29 19.42
N ASN F 124 0.66 -81.42 20.24
CA ASN F 124 0.75 -79.95 20.07
C ASN F 124 -0.25 -79.52 18.99
N SER F 125 -0.98 -80.48 18.42
CA SER F 125 -2.04 -80.15 17.43
C SER F 125 -3.33 -80.85 17.84
N SER F 126 -4.46 -80.12 17.87
CA SER F 126 -5.75 -80.77 18.20
C SER F 126 -6.66 -80.78 16.97
N LEU F 127 -6.10 -81.07 15.79
CA LEU F 127 -6.90 -81.00 14.58
C LEU F 127 -6.54 -82.17 13.67
N PRO F 128 -7.45 -82.57 12.73
CA PRO F 128 -7.21 -83.59 11.65
C PRO F 128 -6.14 -83.12 10.65
N TRP F 129 -5.05 -83.87 10.53
CA TRP F 129 -3.91 -83.43 9.74
C TRP F 129 -4.39 -82.90 8.40
N ARG F 130 -3.89 -81.72 8.02
CA ARG F 130 -4.24 -81.11 6.72
C ARG F 130 -2.97 -80.75 5.96
N ASP F 131 -3.02 -80.86 4.64
CA ASP F 131 -1.90 -80.44 3.75
C ASP F 131 -2.40 -79.38 2.76
N LEU F 132 -2.08 -78.11 3.01
CA LEU F 132 -2.45 -77.01 2.14
C LEU F 132 -1.31 -76.53 1.27
N SER F 133 -0.17 -77.23 1.27
CA SER F 133 1.07 -76.64 0.78
C SER F 133 1.02 -76.37 -0.72
N GLU F 134 0.02 -76.90 -1.41
CA GLU F 134 -0.10 -76.61 -2.84
C GLU F 134 -0.92 -75.36 -3.08
N CYS F 135 -1.95 -75.14 -2.27
CA CYS F 135 -3.01 -74.19 -2.60
C CYS F 135 -2.74 -72.77 -2.12
N GLU F 136 -1.66 -72.59 -1.37
CA GLU F 136 -1.31 -71.28 -0.74
C GLU F 136 -0.98 -70.24 -1.81
N GLU F 137 -1.05 -68.96 -1.45
CA GLU F 137 -0.78 -67.88 -2.43
C GLU F 137 0.74 -67.85 -2.61
N SER F 138 1.19 -68.34 -3.76
CA SER F 138 2.63 -68.66 -3.98
C SER F 138 3.53 -67.48 -3.59
N PRO F 146 4.86 -52.73 -1.26
CA PRO F 146 5.67 -52.37 -0.10
C PRO F 146 4.92 -51.45 0.87
N GLU F 147 4.67 -52.03 2.11
CA GLU F 147 4.09 -51.22 3.21
C GLU F 147 5.02 -50.05 3.51
N GLU F 148 6.30 -50.31 3.62
CA GLU F 148 7.31 -49.31 4.09
C GLU F 148 7.43 -48.15 3.09
N GLN F 149 7.48 -48.44 1.80
CA GLN F 149 7.53 -47.35 0.79
C GLN F 149 6.33 -46.43 0.99
N LEU F 150 5.13 -46.99 0.90
CA LEU F 150 3.87 -46.22 1.05
C LEU F 150 3.90 -45.49 2.39
N LEU F 151 4.38 -46.14 3.45
CA LEU F 151 4.47 -45.51 4.80
C LEU F 151 5.41 -44.31 4.75
N PHE F 152 6.53 -44.43 4.04
CA PHE F 152 7.51 -43.32 3.91
C PHE F 152 6.85 -42.16 3.16
N LEU F 153 6.09 -42.47 2.10
CA LEU F 153 5.38 -41.38 1.39
C LEU F 153 4.42 -40.72 2.38
N TYR F 154 3.69 -41.54 3.16
CA TYR F 154 2.71 -41.01 4.14
C TYR F 154 3.41 -40.07 5.12
N ILE F 155 4.46 -40.55 5.79
CA ILE F 155 5.13 -39.75 6.86
C ILE F 155 5.51 -38.37 6.29
N ILE F 156 6.07 -38.37 5.07
CA ILE F 156 6.51 -37.09 4.44
C ILE F 156 5.35 -36.09 4.45
N TYR F 157 4.25 -36.42 3.78
CA TYR F 157 3.24 -35.42 3.48
C TYR F 157 2.35 -35.15 4.69
N THR F 158 2.40 -36.03 5.69
CA THR F 158 1.70 -35.74 6.94
C THR F 158 2.40 -34.63 7.70
N VAL F 159 3.74 -34.65 7.70
CA VAL F 159 4.50 -33.53 8.24
C VAL F 159 4.28 -32.29 7.39
N GLY F 160 4.29 -32.46 6.06
CA GLY F 160 4.11 -31.31 5.18
C GLY F 160 2.76 -30.65 5.35
N TYR F 161 1.69 -31.45 5.39
CA TYR F 161 0.37 -30.88 5.56
C TYR F 161 0.17 -30.28 6.94
N ALA F 162 0.80 -30.86 7.96
CA ALA F 162 0.70 -30.32 9.32
C ALA F 162 1.43 -28.99 9.42
N LEU F 163 2.66 -28.92 8.90
CA LEU F 163 3.38 -27.65 8.87
C LEU F 163 2.66 -26.63 8.01
N SER F 164 2.12 -27.06 6.86
CA SER F 164 1.35 -26.15 6.02
C SER F 164 0.10 -25.67 6.75
N PHE F 165 -0.61 -26.58 7.41
CA PHE F 165 -1.83 -26.21 8.13
C PHE F 165 -1.54 -25.19 9.22
N SER F 166 -0.46 -25.40 9.98
CA SER F 166 -0.13 -24.46 11.05
C SER F 166 0.24 -23.10 10.50
N ALA F 167 1.12 -23.08 9.49
CA ALA F 167 1.58 -21.82 8.92
C ALA F 167 0.50 -21.08 8.14
N LEU F 168 -0.57 -21.76 7.74
CA LEU F 168 -1.62 -21.12 6.95
C LEU F 168 -2.75 -20.56 7.78
N VAL F 169 -2.99 -21.11 8.98
CA VAL F 169 -3.97 -20.50 9.88
C VAL F 169 -3.42 -19.28 10.59
N ILE F 170 -2.10 -19.22 10.80
CA ILE F 170 -1.46 -18.04 11.36
C ILE F 170 -1.01 -17.07 10.29
N ALA F 171 -1.23 -17.39 9.02
CA ALA F 171 -1.03 -16.46 7.92
C ALA F 171 -2.32 -15.83 7.44
N SER F 172 -3.43 -16.55 7.52
CA SER F 172 -4.74 -15.97 7.30
C SER F 172 -5.19 -15.07 8.44
N ALA F 173 -4.74 -15.33 9.66
CA ALA F 173 -5.01 -14.43 10.77
C ALA F 173 -4.34 -13.08 10.54
N ILE F 174 -3.11 -13.09 10.03
CA ILE F 174 -2.41 -11.85 9.74
C ILE F 174 -3.12 -11.07 8.66
N LEU F 175 -3.53 -11.75 7.58
CA LEU F 175 -4.20 -11.05 6.49
C LEU F 175 -5.58 -10.57 6.89
N LEU F 176 -6.32 -11.39 7.64
CA LEU F 176 -7.64 -10.99 8.08
C LEU F 176 -7.58 -9.94 9.19
N GLY F 177 -6.64 -10.10 10.13
CA GLY F 177 -6.60 -9.22 11.28
C GLY F 177 -6.26 -7.79 10.93
N PHE F 178 -5.25 -7.60 10.09
CA PHE F 178 -4.83 -6.25 9.69
C PHE F 178 -5.80 -5.71 8.65
N ARG F 179 -6.41 -4.57 8.93
CA ARG F 179 -7.40 -4.01 7.97
C ARG F 179 -6.64 -3.39 6.79
N HIS F 180 -5.48 -2.79 7.06
CA HIS F 180 -4.73 -2.16 5.98
C HIS F 180 -4.36 -3.15 4.90
N LEU F 181 -4.23 -4.43 5.26
CA LEU F 181 -3.80 -5.44 4.29
C LEU F 181 -4.94 -5.89 3.39
N HIS F 182 -6.18 -5.52 3.72
CA HIS F 182 -7.31 -5.97 2.92
C HIS F 182 -7.30 -5.33 1.55
N CYS F 183 -7.36 -6.17 0.53
CA CYS F 183 -7.36 -5.75 -0.88
C CYS F 183 -7.78 -6.96 -1.70
N THR F 184 -8.10 -6.71 -2.97
CA THR F 184 -8.53 -7.80 -3.83
C THR F 184 -7.44 -8.87 -3.97
N ARG F 185 -6.17 -8.44 -3.99
CA ARG F 185 -5.08 -9.40 -4.04
C ARG F 185 -5.05 -10.28 -2.81
N ASN F 186 -5.21 -9.68 -1.62
CA ASN F 186 -5.13 -10.45 -0.39
C ASN F 186 -6.39 -11.25 -0.14
N TYR F 187 -7.51 -10.83 -0.73
CA TYR F 187 -8.72 -11.63 -0.68
C TYR F 187 -8.54 -12.94 -1.43
N ILE F 188 -7.87 -12.88 -2.58
CA ILE F 188 -7.60 -14.09 -3.35
C ILE F 188 -6.60 -14.99 -2.64
N HIS F 189 -5.60 -14.38 -1.98
CA HIS F 189 -4.67 -15.18 -1.19
C HIS F 189 -5.38 -15.85 -0.02
N LEU F 190 -6.34 -15.15 0.59
CA LEU F 190 -7.07 -15.73 1.72
C LEU F 190 -7.87 -16.94 1.28
N ASN F 191 -8.54 -16.85 0.14
CA ASN F 191 -9.29 -17.99 -0.37
C ASN F 191 -8.36 -19.12 -0.77
N LEU F 192 -7.20 -18.79 -1.34
CA LEU F 192 -6.20 -19.81 -1.63
C LEU F 192 -5.67 -20.45 -0.35
N PHE F 193 -5.42 -19.63 0.68
CA PHE F 193 -4.96 -20.16 1.95
C PHE F 193 -6.00 -21.10 2.55
N ALA F 194 -7.27 -20.71 2.51
CA ALA F 194 -8.34 -21.58 2.99
C ALA F 194 -8.43 -22.85 2.14
N SER F 195 -8.17 -22.73 0.85
CA SER F 195 -8.26 -23.90 -0.02
C SER F 195 -7.19 -24.93 0.31
N PHE F 196 -6.01 -24.46 0.72
CA PHE F 196 -4.98 -25.38 1.19
C PHE F 196 -5.39 -26.04 2.50
N ILE F 197 -6.02 -25.26 3.38
CA ILE F 197 -6.45 -25.79 4.68
C ILE F 197 -7.50 -26.88 4.49
N LEU F 198 -8.46 -26.65 3.58
CA LEU F 198 -9.44 -27.68 3.28
C LEU F 198 -8.79 -28.90 2.66
N ARG F 199 -7.72 -28.70 1.88
CA ARG F 199 -7.01 -29.84 1.31
C ARG F 199 -6.22 -30.59 2.38
N ALA F 200 -5.66 -29.86 3.34
CA ALA F 200 -4.89 -30.49 4.41
C ALA F 200 -5.80 -31.27 5.35
N LEU F 201 -6.91 -30.66 5.77
CA LEU F 201 -7.83 -31.35 6.67
C LEU F 201 -8.46 -32.56 6.00
N SER F 202 -8.83 -32.44 4.74
CA SER F 202 -9.48 -33.54 4.04
C SER F 202 -8.53 -34.74 3.91
N VAL F 203 -7.22 -34.48 3.86
CA VAL F 203 -6.25 -35.57 3.87
C VAL F 203 -6.21 -36.22 5.24
N PHE F 204 -6.19 -35.43 6.30
CA PHE F 204 -6.14 -35.97 7.65
C PHE F 204 -7.34 -36.86 7.93
N ILE F 205 -8.54 -36.39 7.53
CA ILE F 205 -9.75 -37.18 7.69
C ILE F 205 -9.67 -38.46 6.86
N LYS F 206 -9.12 -38.35 5.65
CA LYS F 206 -9.08 -39.48 4.69
C LYS F 206 -8.06 -40.56 5.07
N ASP F 207 -7.03 -40.26 5.87
CA ASP F 207 -6.13 -41.27 6.42
C ASP F 207 -6.75 -41.99 7.60
N ALA F 208 -7.62 -41.25 8.28
CA ALA F 208 -8.46 -41.73 9.39
C ALA F 208 -9.57 -42.65 8.87
N ALA F 209 -10.29 -42.25 7.83
CA ALA F 209 -11.34 -43.10 7.23
C ALA F 209 -10.76 -44.38 6.63
N LEU F 210 -9.63 -44.30 5.95
CA LEU F 210 -9.00 -45.52 5.42
C LEU F 210 -8.67 -46.39 6.62
N LYS F 211 -8.21 -45.79 7.71
CA LYS F 211 -7.99 -46.57 8.96
C LYS F 211 -9.30 -47.14 9.47
N TRP F 212 -10.37 -46.34 9.55
CA TRP F 212 -11.63 -46.91 10.04
C TRP F 212 -12.11 -48.07 9.18
N MET F 213 -12.01 -47.93 7.87
CA MET F 213 -12.62 -48.93 7.01
C MET F 213 -11.71 -50.11 6.74
N TYR F 214 -10.60 -50.24 7.46
CA TYR F 214 -9.72 -51.39 7.32
C TYR F 214 -9.22 -51.76 8.71
N SER F 215 -10.12 -51.74 9.66
CA SER F 215 -9.79 -51.95 11.06
C SER F 215 -10.23 -53.33 11.49
N THR F 216 -9.56 -53.84 12.52
CA THR F 216 -9.86 -55.19 12.99
C THR F 216 -11.28 -55.27 13.51
N ALA F 217 -11.80 -54.17 14.02
CA ALA F 217 -13.22 -54.12 14.35
C ALA F 217 -14.06 -54.25 13.10
N ALA F 218 -13.66 -53.55 12.03
CA ALA F 218 -14.49 -53.48 10.83
C ALA F 218 -14.50 -54.82 10.11
N GLN F 219 -13.33 -55.40 9.88
CA GLN F 219 -13.25 -56.60 9.06
C GLN F 219 -14.10 -57.72 9.65
N GLN F 220 -13.98 -57.96 10.95
CA GLN F 220 -14.74 -59.03 11.58
C GLN F 220 -16.22 -58.84 11.36
N HIS F 221 -16.69 -57.59 11.36
CA HIS F 221 -18.05 -57.33 10.95
C HIS F 221 -18.29 -57.83 9.53
N GLN F 222 -17.29 -57.70 8.67
CA GLN F 222 -17.52 -57.97 7.26
C GLN F 222 -17.33 -59.44 6.95
N TRP F 223 -16.53 -60.14 7.75
CA TRP F 223 -16.52 -61.60 7.68
C TRP F 223 -17.86 -62.20 8.10
N ASP F 224 -18.33 -61.71 9.25
CA ASP F 224 -19.64 -62.12 9.82
C ASP F 224 -20.70 -61.78 8.78
N GLY F 225 -20.32 -61.03 7.74
CA GLY F 225 -21.27 -60.70 6.65
C GLY F 225 -22.20 -59.57 7.04
N LEU F 226 -22.03 -59.05 8.26
CA LEU F 226 -22.79 -57.87 8.74
C LEU F 226 -22.27 -56.61 8.04
N LEU F 227 -22.96 -55.49 8.27
CA LEU F 227 -22.71 -54.22 7.54
C LEU F 227 -21.44 -53.57 8.08
N SER F 228 -20.73 -52.81 7.25
CA SER F 228 -19.50 -52.15 7.75
C SER F 228 -19.53 -50.67 7.41
N TYR F 229 -18.53 -49.92 7.87
CA TYR F 229 -18.44 -48.49 7.51
C TYR F 229 -18.45 -48.43 6.00
N GLN F 230 -17.79 -49.39 5.36
CA GLN F 230 -17.62 -49.29 3.90
C GLN F 230 -18.98 -49.16 3.21
N ASP F 231 -20.06 -49.70 3.78
CA ASP F 231 -21.34 -49.66 3.05
C ASP F 231 -22.14 -48.39 3.38
N SER F 232 -21.58 -47.54 4.23
CA SER F 232 -22.23 -46.26 4.65
C SER F 232 -22.00 -45.16 3.64
N LEU F 233 -22.91 -44.17 3.60
CA LEU F 233 -22.66 -42.95 2.81
C LEU F 233 -21.75 -42.04 3.64
N SER F 234 -21.47 -42.44 4.89
CA SER F 234 -20.60 -41.58 5.69
C SER F 234 -19.18 -41.58 5.14
N CYS F 235 -18.71 -42.72 4.65
CA CYS F 235 -17.36 -42.80 4.09
C CYS F 235 -17.30 -42.37 2.63
N ARG F 236 -18.37 -42.61 1.89
CA ARG F 236 -18.37 -42.18 0.47
C ARG F 236 -18.35 -40.66 0.39
N LEU F 237 -18.97 -39.97 1.35
CA LEU F 237 -18.91 -38.51 1.34
C LEU F 237 -17.54 -37.99 1.75
N VAL F 238 -16.80 -38.77 2.56
CA VAL F 238 -15.44 -38.39 2.90
C VAL F 238 -14.56 -38.37 1.66
N PHE F 239 -14.71 -39.36 0.80
CA PHE F 239 -13.92 -39.42 -0.42
C PHE F 239 -14.57 -38.68 -1.58
N LEU F 240 -15.72 -38.05 -1.36
CA LEU F 240 -16.21 -37.04 -2.29
C LEU F 240 -15.79 -35.65 -1.82
N LEU F 241 -15.59 -35.48 -0.52
CA LEU F 241 -15.06 -34.21 -0.02
C LEU F 241 -13.58 -34.06 -0.36
N MET F 242 -12.89 -35.19 -0.45
CA MET F 242 -11.44 -35.20 -0.71
C MET F 242 -11.19 -34.88 -2.20
N GLN F 243 -12.11 -35.26 -3.08
CA GLN F 243 -12.06 -34.83 -4.50
C GLN F 243 -12.33 -33.33 -4.58
N TYR F 244 -13.34 -32.81 -3.88
CA TYR F 244 -13.62 -31.38 -3.98
C TYR F 244 -12.50 -30.56 -3.38
N CYS F 245 -11.96 -30.97 -2.24
CA CYS F 245 -10.93 -30.18 -1.57
C CYS F 245 -9.64 -30.16 -2.38
N VAL F 246 -9.33 -31.28 -3.06
CA VAL F 246 -8.16 -31.30 -3.94
C VAL F 246 -8.42 -30.45 -5.18
N ALA F 247 -9.60 -30.59 -5.79
CA ALA F 247 -9.87 -29.91 -7.05
C ALA F 247 -10.10 -28.43 -6.84
N ALA F 248 -10.57 -28.02 -5.66
CA ALA F 248 -10.72 -26.60 -5.38
C ALA F 248 -9.38 -25.93 -5.17
N ASN F 249 -8.40 -26.68 -4.64
CA ASN F 249 -7.05 -26.13 -4.49
C ASN F 249 -6.42 -25.88 -5.84
N TYR F 250 -6.62 -26.79 -6.79
CA TYR F 250 -6.04 -26.60 -8.12
C TYR F 250 -6.70 -25.46 -8.85
N TYR F 251 -7.96 -25.17 -8.53
CA TYR F 251 -8.67 -24.11 -9.23
C TYR F 251 -8.55 -22.77 -8.50
N TRP F 252 -8.01 -22.77 -7.29
CA TRP F 252 -7.69 -21.51 -6.65
C TRP F 252 -6.27 -21.09 -6.97
N LEU F 253 -5.41 -22.06 -7.31
CA LEU F 253 -4.12 -21.73 -7.89
C LEU F 253 -4.30 -21.14 -9.28
N LEU F 254 -5.30 -21.63 -10.01
CA LEU F 254 -5.61 -21.08 -11.33
C LEU F 254 -6.13 -19.65 -11.22
N VAL F 255 -6.96 -19.37 -10.21
CA VAL F 255 -7.47 -18.02 -10.02
C VAL F 255 -6.34 -17.06 -9.68
N GLU F 256 -5.37 -17.53 -8.91
CA GLU F 256 -4.20 -16.70 -8.60
C GLU F 256 -3.44 -16.33 -9.86
N GLY F 257 -3.24 -17.30 -10.75
CA GLY F 257 -2.56 -17.01 -12.00
C GLY F 257 -3.36 -16.12 -12.92
N VAL F 258 -4.67 -16.33 -13.00
CA VAL F 258 -5.52 -15.55 -13.89
C VAL F 258 -5.61 -14.11 -13.40
N TYR F 259 -5.69 -13.91 -12.09
CA TYR F 259 -5.73 -12.55 -11.56
C TYR F 259 -4.41 -11.82 -11.78
N LEU F 260 -3.29 -12.51 -11.56
CA LEU F 260 -1.99 -11.89 -11.79
C LEU F 260 -1.79 -11.58 -13.26
N TYR F 261 -2.29 -12.45 -14.14
CA TYR F 261 -2.11 -12.24 -15.57
C TYR F 261 -2.96 -11.08 -16.10
N THR F 262 -4.15 -10.86 -15.52
CA THR F 262 -4.97 -9.73 -15.94
C THR F 262 -4.44 -8.41 -15.41
N LEU F 263 -3.79 -8.39 -14.26
CA LEU F 263 -3.17 -7.13 -13.77
C LEU F 263 -1.98 -6.78 -14.66
N LEU F 264 -1.22 -7.77 -15.13
CA LEU F 264 0.02 -7.52 -15.90
C LEU F 264 -0.26 -7.44 -17.39
N ALA F 265 -1.49 -7.67 -17.82
CA ALA F 265 -1.84 -7.53 -19.25
C ALA F 265 -2.29 -6.08 -19.44
N PHE F 266 -2.13 -5.26 -18.40
CA PHE F 266 -2.57 -3.84 -18.44
C PHE F 266 -4.07 -3.85 -18.74
N SER F 267 -4.78 -4.83 -18.16
CA SER F 267 -6.24 -4.93 -18.39
C SER F 267 -6.96 -4.41 -17.13
N VAL F 268 -7.75 -3.35 -17.27
CA VAL F 268 -8.45 -2.75 -16.09
C VAL F 268 -9.95 -2.93 -16.29
N PHE F 269 -10.61 -3.59 -15.32
CA PHE F 269 -12.06 -3.86 -15.39
C PHE F 269 -12.67 -3.63 -14.00
N SER F 270 -13.99 -3.72 -13.91
CA SER F 270 -14.68 -3.71 -12.59
C SER F 270 -14.01 -4.70 -11.64
N GLU F 271 -13.57 -4.20 -10.48
CA GLU F 271 -13.02 -5.04 -9.39
C GLU F 271 -14.15 -5.77 -8.67
N GLN F 272 -15.25 -5.07 -8.42
CA GLN F 272 -16.39 -5.68 -7.68
C GLN F 272 -16.93 -6.78 -8.56
N TRP F 273 -17.07 -6.48 -9.86
CA TRP F 273 -17.55 -7.55 -10.74
C TRP F 273 -16.55 -8.71 -10.79
N ILE F 274 -15.27 -8.39 -10.89
CA ILE F 274 -14.27 -9.43 -11.18
C ILE F 274 -14.11 -10.38 -10.00
N PHE F 275 -14.24 -9.88 -8.77
CA PHE F 275 -14.03 -10.73 -7.61
C PHE F 275 -15.14 -11.76 -7.47
N ARG F 276 -16.38 -11.38 -7.77
CA ARG F 276 -17.48 -12.34 -7.68
C ARG F 276 -17.28 -13.48 -8.67
N LEU F 277 -16.73 -13.19 -9.84
CA LEU F 277 -16.41 -14.23 -10.80
C LEU F 277 -15.32 -15.15 -10.27
N TYR F 278 -14.28 -14.57 -9.65
CA TYR F 278 -13.15 -15.38 -9.18
C TYR F 278 -13.56 -16.31 -8.06
N VAL F 279 -14.41 -15.84 -7.14
CA VAL F 279 -14.87 -16.71 -6.05
C VAL F 279 -15.70 -17.86 -6.61
N SER F 280 -16.51 -17.60 -7.62
CA SER F 280 -17.35 -18.62 -8.22
C SER F 280 -16.58 -19.53 -9.19
N ILE F 281 -15.34 -19.20 -9.52
CA ILE F 281 -14.52 -20.08 -10.34
C ILE F 281 -13.63 -20.97 -9.47
N GLY F 282 -13.06 -20.41 -8.39
CA GLY F 282 -12.28 -21.22 -7.49
C GLY F 282 -13.12 -22.25 -6.73
N TRP F 283 -14.30 -21.83 -6.27
CA TRP F 283 -15.13 -22.68 -5.42
C TRP F 283 -16.26 -23.36 -6.17
N GLY F 284 -16.71 -22.82 -7.29
CA GLY F 284 -17.89 -23.32 -7.96
C GLY F 284 -17.62 -24.23 -9.16
N VAL F 285 -16.62 -23.89 -9.95
CA VAL F 285 -16.24 -24.70 -11.11
C VAL F 285 -15.86 -26.12 -10.68
N PRO F 286 -15.16 -26.33 -9.55
CA PRO F 286 -14.93 -27.71 -9.11
C PRO F 286 -16.19 -28.53 -8.92
N LEU F 287 -17.30 -27.91 -8.52
CA LEU F 287 -18.55 -28.65 -8.35
C LEU F 287 -19.05 -29.19 -9.68
N LEU F 288 -18.71 -28.53 -10.79
CA LEU F 288 -19.23 -28.94 -12.09
C LEU F 288 -18.63 -30.24 -12.60
N PHE F 289 -17.60 -30.78 -11.95
CA PHE F 289 -17.07 -32.10 -12.33
C PHE F 289 -16.85 -33.02 -11.15
N VAL F 290 -16.80 -32.50 -9.92
CA VAL F 290 -16.79 -33.38 -8.76
C VAL F 290 -18.17 -33.97 -8.53
N VAL F 291 -19.22 -33.15 -8.65
CA VAL F 291 -20.59 -33.66 -8.48
C VAL F 291 -20.94 -34.69 -9.53
N PRO F 292 -20.71 -34.46 -10.84
CA PRO F 292 -20.96 -35.55 -11.80
C PRO F 292 -20.14 -36.79 -11.53
N TRP F 293 -18.91 -36.64 -11.02
CA TRP F 293 -18.11 -37.81 -10.69
C TRP F 293 -18.76 -38.62 -9.58
N GLY F 294 -19.31 -37.95 -8.56
CA GLY F 294 -20.02 -38.66 -7.51
C GLY F 294 -21.27 -39.34 -8.03
N ILE F 295 -21.97 -38.69 -8.96
CA ILE F 295 -23.16 -39.30 -9.55
C ILE F 295 -22.79 -40.58 -10.30
N VAL F 296 -21.73 -40.53 -11.11
CA VAL F 296 -21.31 -41.70 -11.86
C VAL F 296 -20.74 -42.76 -10.94
N LYS F 297 -19.94 -42.35 -9.94
CA LYS F 297 -19.34 -43.32 -9.04
C LYS F 297 -20.38 -43.97 -8.14
N TYR F 298 -21.56 -43.37 -8.02
CA TYR F 298 -22.64 -43.98 -7.24
C TYR F 298 -23.47 -44.92 -8.11
N LEU F 299 -23.82 -44.49 -9.33
CA LEU F 299 -24.60 -45.35 -10.20
C LEU F 299 -23.77 -46.52 -10.73
N TYR F 300 -22.50 -46.26 -11.02
CA TYR F 300 -21.61 -47.26 -11.60
C TYR F 300 -20.42 -47.48 -10.67
N GLU F 301 -20.02 -48.71 -10.42
CA GLU F 301 -18.77 -48.86 -9.65
C GLU F 301 -18.84 -48.24 -8.25
N ASP F 302 -19.91 -48.53 -7.51
CA ASP F 302 -20.04 -48.20 -6.07
C ASP F 302 -19.34 -49.28 -5.25
N GLU F 303 -18.12 -49.03 -4.74
CA GLU F 303 -17.50 -50.03 -3.85
C GLU F 303 -16.31 -49.37 -3.15
N GLY F 304 -15.87 -49.94 -2.05
CA GLY F 304 -14.66 -49.39 -1.40
C GLY F 304 -14.78 -47.91 -1.12
N CYS F 305 -15.93 -47.44 -0.64
CA CYS F 305 -16.10 -46.01 -0.27
C CYS F 305 -15.53 -45.13 -1.37
N TRP F 306 -15.38 -45.70 -2.56
CA TRP F 306 -14.89 -44.98 -3.73
C TRP F 306 -13.40 -44.71 -3.63
N THR F 307 -12.73 -45.42 -2.73
CA THR F 307 -11.26 -45.28 -2.56
C THR F 307 -10.58 -45.74 -3.85
N ARG F 308 -11.03 -46.87 -4.41
CA ARG F 308 -10.30 -47.55 -5.51
C ARG F 308 -10.83 -47.07 -6.86
N ASN F 309 -9.93 -46.66 -7.74
CA ASN F 309 -10.24 -46.23 -9.11
C ASN F 309 -10.31 -47.45 -10.01
N SER F 310 -11.47 -48.12 -9.95
CA SER F 310 -11.63 -49.41 -10.60
C SER F 310 -11.56 -49.30 -12.11
N ASN F 311 -12.34 -48.38 -12.68
CA ASN F 311 -12.46 -48.31 -14.14
C ASN F 311 -11.21 -47.70 -14.77
N MET F 312 -10.67 -46.65 -14.16
CA MET F 312 -9.57 -45.83 -14.64
C MET F 312 -10.01 -44.97 -15.82
N ASN F 313 -11.30 -44.95 -16.14
CA ASN F 313 -11.85 -44.07 -17.16
C ASN F 313 -12.78 -43.02 -16.58
N TYR F 314 -13.68 -43.40 -15.66
CA TYR F 314 -14.44 -42.40 -14.92
C TYR F 314 -13.52 -41.59 -14.03
N TRP F 315 -12.32 -42.09 -13.76
CA TRP F 315 -11.33 -41.33 -13.01
C TRP F 315 -10.82 -40.15 -13.83
N LEU F 316 -11.11 -40.12 -15.13
CA LEU F 316 -10.74 -38.96 -15.95
C LEU F 316 -11.68 -37.79 -15.74
N ILE F 317 -12.84 -38.02 -15.14
CA ILE F 317 -13.78 -36.94 -14.88
C ILE F 317 -13.16 -35.95 -13.89
N ILE F 318 -12.23 -36.42 -13.07
CA ILE F 318 -11.57 -35.53 -12.11
C ILE F 318 -10.20 -35.10 -12.63
N ARG F 319 -9.49 -36.01 -13.30
CA ARG F 319 -8.12 -35.72 -13.72
C ARG F 319 -8.07 -34.63 -14.79
N LEU F 320 -8.88 -34.76 -15.84
CA LEU F 320 -8.80 -33.81 -16.94
C LEU F 320 -9.13 -32.38 -16.54
N PRO F 321 -10.22 -32.10 -15.80
CA PRO F 321 -10.42 -30.71 -15.35
C PRO F 321 -9.30 -30.19 -14.48
N ILE F 322 -8.66 -31.07 -13.70
CA ILE F 322 -7.53 -30.65 -12.90
C ILE F 322 -6.32 -30.36 -13.79
N LEU F 323 -6.12 -31.17 -14.82
CA LEU F 323 -5.00 -30.92 -15.73
C LEU F 323 -5.20 -29.66 -16.55
N PHE F 324 -6.45 -29.21 -16.70
CA PHE F 324 -6.68 -27.90 -17.32
C PHE F 324 -6.16 -26.79 -16.43
N ALA F 325 -6.39 -26.89 -15.12
CA ALA F 325 -5.84 -25.90 -14.20
C ALA F 325 -4.32 -25.96 -14.16
N ILE F 326 -3.74 -27.17 -14.24
CA ILE F 326 -2.29 -27.31 -14.27
C ILE F 326 -1.72 -26.67 -15.52
N GLY F 327 -2.37 -26.90 -16.67
CA GLY F 327 -1.83 -26.39 -17.91
C GLY F 327 -1.83 -24.87 -17.99
N VAL F 328 -2.90 -24.25 -17.54
CA VAL F 328 -3.04 -22.81 -17.70
C VAL F 328 -2.08 -22.06 -16.80
N ASN F 329 -1.86 -22.54 -15.57
CA ASN F 329 -0.90 -21.86 -14.70
C ASN F 329 0.52 -22.01 -15.21
N PHE F 330 0.80 -23.04 -16.01
CA PHE F 330 2.12 -23.10 -16.62
C PHE F 330 2.25 -22.08 -17.75
N LEU F 331 1.20 -21.93 -18.56
CA LEU F 331 1.22 -20.90 -19.59
C LEU F 331 1.29 -19.51 -18.98
N ILE F 332 0.53 -19.28 -17.91
CA ILE F 332 0.55 -17.96 -17.22
C ILE F 332 1.95 -17.74 -16.64
N PHE F 333 2.57 -18.78 -16.08
CA PHE F 333 3.90 -18.64 -15.45
C PHE F 333 4.90 -18.21 -16.51
N VAL F 334 4.86 -18.82 -17.70
CA VAL F 334 5.83 -18.49 -18.77
C VAL F 334 5.64 -17.03 -19.15
N ARG F 335 4.39 -16.59 -19.35
CA ARG F 335 4.13 -15.20 -19.77
C ARG F 335 4.63 -14.24 -18.69
N VAL F 336 4.37 -14.54 -17.42
CA VAL F 336 4.76 -13.64 -16.31
C VAL F 336 6.28 -13.55 -16.25
N ILE F 337 6.98 -14.67 -16.42
CA ILE F 337 8.47 -14.68 -16.39
C ILE F 337 9.02 -13.89 -17.59
N CYS F 338 8.39 -14.02 -18.76
CA CYS F 338 8.82 -13.25 -19.94
C CYS F 338 8.67 -11.76 -19.63
N ILE F 339 7.56 -11.38 -19.01
CA ILE F 339 7.34 -9.95 -18.63
C ILE F 339 8.44 -9.54 -17.65
N VAL F 340 8.83 -10.43 -16.72
CA VAL F 340 9.82 -10.04 -15.73
C VAL F 340 11.19 -9.86 -16.36
N VAL F 341 11.58 -10.74 -17.28
CA VAL F 341 12.89 -10.61 -17.91
C VAL F 341 12.93 -9.35 -18.77
N SER F 342 11.80 -8.99 -19.39
CA SER F 342 11.75 -7.75 -20.17
C SER F 342 11.98 -6.53 -19.28
N LYS F 343 11.37 -6.53 -18.09
CA LYS F 343 11.59 -5.44 -17.15
C LYS F 343 13.03 -5.43 -16.65
N LEU F 344 13.59 -6.61 -16.40
CA LEU F 344 14.93 -6.70 -15.80
C LEU F 344 16.01 -6.19 -16.73
N LYS F 345 15.94 -6.47 -18.02
CA LYS F 345 16.93 -6.00 -18.97
C LYS F 345 16.64 -4.61 -19.50
N ALA F 346 15.48 -4.04 -19.16
CA ALA F 346 15.23 -2.64 -19.49
C ALA F 346 15.98 -1.72 -18.53
N ASN F 347 16.25 -2.25 -17.34
CA ASN F 347 17.20 -1.64 -16.38
C ASN F 347 18.62 -1.97 -16.84
N LEU F 348 18.75 -2.55 -18.03
CA LEU F 348 20.08 -2.95 -18.57
C LEU F 348 20.73 -3.95 -17.61
N ASP F 353 24.48 -9.32 -12.18
CA ASP F 353 23.74 -10.36 -12.87
C ASP F 353 22.23 -10.24 -12.61
N ILE F 354 21.44 -10.37 -13.69
CA ILE F 354 19.99 -10.37 -13.56
C ILE F 354 19.52 -11.77 -13.25
N LYS F 355 20.40 -12.71 -13.13
CA LYS F 355 20.02 -14.13 -12.99
C LYS F 355 19.88 -14.48 -11.50
N CYS F 356 20.40 -13.63 -10.59
CA CYS F 356 20.06 -13.76 -9.18
C CYS F 356 18.66 -13.23 -8.90
N ARG F 357 18.29 -12.12 -9.54
CA ARG F 357 16.93 -11.60 -9.40
C ARG F 357 15.93 -12.47 -10.15
N LEU F 358 16.28 -12.90 -11.36
CA LEU F 358 15.38 -13.72 -12.15
C LEU F 358 15.11 -15.07 -11.49
N ALA F 359 16.14 -15.70 -10.94
CA ALA F 359 15.95 -16.96 -10.26
C ALA F 359 15.11 -16.78 -9.01
N LYS F 360 15.30 -15.67 -8.30
CA LYS F 360 14.48 -15.41 -7.12
C LYS F 360 13.02 -15.24 -7.47
N SER F 361 12.72 -14.51 -8.55
CA SER F 361 11.33 -14.30 -8.94
C SER F 361 10.71 -15.59 -9.47
N THR F 362 11.49 -16.38 -10.20
CA THR F 362 10.98 -17.66 -10.71
C THR F 362 10.65 -18.61 -9.56
N LEU F 363 11.53 -18.69 -8.57
CA LEU F 363 11.30 -19.59 -7.44
C LEU F 363 10.21 -19.07 -6.52
N THR F 364 10.00 -17.75 -6.47
CA THR F 364 8.91 -17.19 -5.70
C THR F 364 7.56 -17.42 -6.36
N LEU F 365 7.54 -17.48 -7.69
CA LEU F 365 6.29 -17.65 -8.42
C LEU F 365 5.83 -19.10 -8.46
N ILE F 366 6.75 -20.05 -8.27
CA ILE F 366 6.39 -21.46 -8.40
C ILE F 366 5.38 -21.90 -7.35
N PRO F 367 5.57 -21.65 -6.05
CA PRO F 367 4.54 -22.10 -5.09
C PRO F 367 3.18 -21.46 -5.31
N LEU F 368 3.14 -20.19 -5.73
CA LEU F 368 1.87 -19.50 -5.91
C LEU F 368 1.05 -20.07 -7.05
N LEU F 369 1.68 -20.58 -8.09
CA LEU F 369 0.98 -21.12 -9.24
C LEU F 369 0.93 -22.64 -9.25
N GLY F 370 1.71 -23.31 -8.40
CA GLY F 370 1.76 -24.75 -8.43
C GLY F 370 2.38 -25.34 -9.67
N THR F 371 3.43 -24.71 -10.20
CA THR F 371 4.01 -25.17 -11.46
C THR F 371 4.99 -26.32 -11.27
N HIS F 372 5.26 -26.73 -10.03
CA HIS F 372 6.06 -27.93 -9.81
C HIS F 372 5.34 -29.17 -10.29
N GLU F 373 4.07 -29.02 -10.65
CA GLU F 373 3.21 -30.17 -10.99
C GLU F 373 3.42 -30.56 -12.44
N VAL F 374 3.71 -29.60 -13.32
CA VAL F 374 3.77 -29.91 -14.78
C VAL F 374 4.82 -30.97 -15.08
N ILE F 375 5.87 -31.02 -14.26
CA ILE F 375 7.03 -31.95 -14.45
C ILE F 375 6.49 -33.37 -14.58
N PHE F 376 5.57 -33.75 -13.69
CA PHE F 376 5.08 -35.15 -13.60
C PHE F 376 3.56 -35.24 -13.90
N ALA F 377 2.92 -34.14 -14.27
CA ALA F 377 1.48 -34.19 -14.38
C ALA F 377 1.04 -35.03 -15.55
N PHE F 378 1.77 -34.90 -16.66
CA PHE F 378 1.43 -35.62 -17.91
C PHE F 378 1.94 -37.05 -17.79
N VAL F 379 2.64 -37.35 -16.69
CA VAL F 379 3.06 -38.76 -16.44
C VAL F 379 1.83 -39.41 -15.80
N MET F 380 0.83 -39.72 -16.63
CA MET F 380 -0.51 -40.16 -16.19
C MET F 380 -0.41 -41.50 -15.45
N ASP F 381 -1.14 -41.65 -14.34
CA ASP F 381 -1.14 -42.91 -13.56
C ASP F 381 -1.11 -44.12 -14.50
N GLU F 382 -2.03 -44.17 -15.47
CA GLU F 382 -2.10 -45.31 -16.42
C GLU F 382 -0.70 -45.67 -16.90
N HIS F 383 0.11 -44.68 -17.29
CA HIS F 383 1.42 -44.96 -17.94
C HIS F 383 2.53 -45.02 -16.89
N ALA F 384 2.20 -44.86 -15.60
CA ALA F 384 3.19 -44.69 -14.56
C ALA F 384 3.27 -45.92 -13.68
N ARG F 385 4.04 -46.91 -14.12
CA ARG F 385 4.25 -48.14 -13.34
C ARG F 385 5.67 -48.15 -12.79
N GLY F 386 5.97 -49.10 -11.91
CA GLY F 386 7.34 -49.35 -11.47
C GLY F 386 7.88 -48.21 -10.66
N THR F 387 9.19 -47.99 -10.75
CA THR F 387 9.82 -46.98 -9.92
C THR F 387 9.43 -45.57 -10.34
N LEU F 388 9.15 -45.38 -11.63
CA LEU F 388 8.63 -44.07 -12.10
C LEU F 388 7.47 -43.67 -11.19
N ARG F 389 6.49 -44.54 -11.01
CA ARG F 389 5.34 -44.26 -10.10
C ARG F 389 5.87 -43.77 -8.76
N PHE F 390 6.86 -44.44 -8.19
CA PHE F 390 7.40 -43.94 -6.92
C PHE F 390 7.82 -42.48 -7.05
N ILE F 391 8.55 -42.14 -8.11
CA ILE F 391 9.07 -40.79 -8.25
C ILE F 391 7.94 -39.79 -8.47
N LYS F 392 6.92 -40.21 -9.24
CA LYS F 392 5.74 -39.37 -9.43
C LYS F 392 5.03 -39.11 -8.11
N LEU F 393 4.83 -40.17 -7.33
CA LEU F 393 4.13 -40.02 -6.05
C LEU F 393 4.95 -39.22 -5.05
N PHE F 394 6.25 -39.49 -4.98
CA PHE F 394 7.09 -38.81 -3.98
C PHE F 394 7.17 -37.31 -4.27
N THR F 395 7.54 -36.94 -5.50
CA THR F 395 7.73 -35.53 -5.81
C THR F 395 6.44 -34.75 -5.68
N GLU F 396 5.33 -35.32 -6.16
CA GLU F 396 4.06 -34.61 -6.11
C GLU F 396 3.55 -34.47 -4.68
N LEU F 397 3.53 -35.57 -3.93
CA LEU F 397 3.00 -35.54 -2.58
C LEU F 397 3.87 -34.67 -1.66
N SER F 398 5.19 -34.82 -1.76
CA SER F 398 6.07 -34.05 -0.89
C SER F 398 6.00 -32.57 -1.19
N PHE F 399 5.91 -32.21 -2.48
CA PHE F 399 5.83 -30.80 -2.83
C PHE F 399 4.48 -30.20 -2.48
N THR F 400 3.39 -30.91 -2.79
CA THR F 400 2.06 -30.38 -2.51
C THR F 400 1.83 -30.21 -1.01
N SER F 401 2.31 -31.16 -0.21
CA SER F 401 2.11 -31.05 1.24
C SER F 401 2.82 -29.82 1.78
N PHE F 402 4.02 -29.54 1.31
CA PHE F 402 4.76 -28.35 1.72
C PHE F 402 4.42 -27.11 0.92
N GLN F 403 3.62 -27.25 -0.15
CA GLN F 403 3.33 -26.08 -0.99
C GLN F 403 2.56 -25.02 -0.21
N GLY F 404 1.62 -25.44 0.63
CA GLY F 404 0.93 -24.48 1.47
C GLY F 404 1.87 -23.77 2.41
N LEU F 405 3.00 -24.40 2.76
CA LEU F 405 3.97 -23.76 3.62
C LEU F 405 4.73 -22.66 2.90
N MET F 406 5.14 -22.96 1.67
CA MET F 406 5.88 -21.99 0.81
C MET F 406 5.02 -20.73 0.65
N VAL F 407 3.76 -20.90 0.25
CA VAL F 407 2.89 -19.77 -0.06
C VAL F 407 2.61 -18.94 1.19
N ALA F 408 2.51 -19.59 2.34
CA ALA F 408 2.34 -18.86 3.59
C ALA F 408 3.58 -18.04 3.93
N ILE F 409 4.76 -18.64 3.77
CA ILE F 409 6.00 -17.94 4.08
C ILE F 409 6.28 -16.85 3.04
N LEU F 410 6.12 -17.17 1.76
CA LEU F 410 6.51 -16.25 0.70
C LEU F 410 5.53 -15.08 0.59
N TYR F 411 4.23 -15.36 0.67
CA TYR F 411 3.23 -14.34 0.40
C TYR F 411 2.56 -13.80 1.66
N CYS F 412 2.89 -14.33 2.83
CA CYS F 412 2.51 -13.62 4.05
C CYS F 412 3.71 -13.21 4.89
N PHE F 413 4.55 -14.16 5.30
CA PHE F 413 5.50 -13.89 6.37
C PHE F 413 6.66 -13.03 5.90
N VAL F 414 7.25 -13.33 4.74
CA VAL F 414 8.37 -12.55 4.25
C VAL F 414 7.93 -11.39 3.38
N ASN F 415 6.62 -11.19 3.22
CA ASN F 415 6.12 -10.05 2.47
C ASN F 415 6.53 -8.75 3.16
N ASN F 416 7.09 -7.83 2.38
CA ASN F 416 7.58 -6.59 2.97
C ASN F 416 6.43 -5.74 3.51
N GLU F 417 5.30 -5.79 2.81
CA GLU F 417 4.08 -5.06 3.24
C GLU F 417 3.63 -5.61 4.60
N VAL F 418 3.63 -6.93 4.75
CA VAL F 418 3.19 -7.56 5.99
C VAL F 418 4.17 -7.26 7.11
N GLN F 419 5.47 -7.32 6.81
CA GLN F 419 6.48 -7.01 7.82
C GLN F 419 6.38 -5.54 8.25
N LEU F 420 6.01 -4.67 7.32
CA LEU F 420 5.80 -3.26 7.66
C LEU F 420 4.64 -3.11 8.64
N GLU F 421 3.58 -3.88 8.45
CA GLU F 421 2.42 -3.79 9.33
C GLU F 421 2.76 -4.20 10.75
N PHE F 422 3.71 -5.14 10.89
CA PHE F 422 4.12 -5.63 12.23
C PHE F 422 5.00 -4.57 12.92
N ARG F 423 5.98 -4.03 12.21
CA ARG F 423 6.89 -3.02 12.79
C ARG F 423 6.07 -1.80 13.20
N LYS F 424 5.12 -1.37 12.35
CA LYS F 424 4.23 -0.23 12.69
C LYS F 424 3.49 -0.53 13.99
N SER F 425 3.01 -1.78 14.14
CA SER F 425 2.18 -2.16 15.31
C SER F 425 2.98 -2.26 16.62
N TRP F 426 4.18 -2.85 16.56
CA TRP F 426 5.05 -2.98 17.75
C TRP F 426 5.31 -1.60 18.36
N GLU F 427 5.75 -0.64 17.54
CA GLU F 427 6.09 0.72 18.06
C GLU F 427 4.84 1.40 18.62
N ARG F 428 3.70 1.28 17.94
CA ARG F 428 2.43 1.87 18.44
C ARG F 428 2.08 1.21 19.76
N TRP F 429 2.29 -0.11 19.87
CA TRP F 429 2.02 -0.83 21.14
C TRP F 429 2.93 -0.32 22.26
N ARG F 430 4.18 0.03 21.92
CA ARG F 430 5.15 0.46 22.97
C ARG F 430 4.61 1.71 23.67
N LEU F 431 4.05 2.64 22.91
CA LEU F 431 3.48 3.89 23.50
C LEU F 431 2.32 3.52 24.42
N GLU F 432 1.48 2.56 24.03
CA GLU F 432 0.31 2.12 24.84
C GLU F 432 -0.80 3.18 24.78
#